data_9IJD
#
_entry.id   9IJD
#
_cell.length_a   1.00
_cell.length_b   1.00
_cell.length_c   1.00
_cell.angle_alpha   90.00
_cell.angle_beta   90.00
_cell.angle_gamma   90.00
#
_symmetry.space_group_name_H-M   'P 1'
#
loop_
_entity.id
_entity.type
_entity.pdbx_description
1 polymer 'Guanine nucleotide-binding protein G(I)/G(S)/G(T) subunit beta-1'
2 polymer 'Camelid antibody VHH fragment'
3 polymer 'Single-chain Fv16'
4 polymer 'Beta-3 adrenergic receptor'
5 polymer 'Guanine nucleotide-binding protein G(s) subunit alpha isoforms short'
6 polymer 'Guanine nucleotide-binding protein G(I)/G(S)/G(O) subunit gamma-2'
7 non-polymer (2S)-1-(9H-Carbazol-4-yloxy)-3-(isopropylamino)propan-2-ol
#
loop_
_entity_poly.entity_id
_entity_poly.type
_entity_poly.pdbx_seq_one_letter_code
_entity_poly.pdbx_strand_id
1 'polypeptide(L)'
;QSELDQLRQEAEQLKNQIRDARKACADATLSQITNNIDPVGRIQMRTRRTLRGHLAKIYAMHWGTDSRLLVSASQDGKLI
IWDSYTTNKVHAIPLRSSWVMTCAYAPSGNYVACGGLDNICSIYNLKTREGNVRVSRELAGHTGYLSCCRFLDDNQIVTS
SGDTTCALWDIETGQQTTTFTGHTGDVMSLSLAPDTRLFVSGACDASAKLWDVREGMCRQTFTGHESDINAICFFPNGNA
FATGSDDATCRLFDLRADQELMTYSHDNIICGITSVSFSKSGRLLLAGYDDFNCNVWDALKADRAGVLAGHDNRVSCLGV
TDDGMAVATGSWDSFLKIWN
;
B
2 'polypeptide(L)'
;QVQLQESGGGLVQPGGSLRLSCAASGFTFSNYKMNWVRQAPGKGLEWVSDISQSGASISYTGSVKGRFTISRDNAKNTLY
LQMNSLKPEDTAVYYCARCPAPFTRDCFDVTSTTYAYRGQGTQVTVSS
;
N
3 'polypeptide(L)'
;VQLVESGGGLVQPGGSRKLSCSASGFAFSSFGMHWVRQAPEKGLEWVAYISSGSGTIYYADTVKGRFTISRDDPKNTLFL
QMTSLRSEDTAMYYCVRSIYYYGSSPFDFWGQGTTLTVSSGGGGSGGGGSGGGGADIVMTQATSSVPVTPGESVSISCRS
SKSLLHSNGNTYLYWFLQRPGQSPQLLIYRMSNLASGVPDRFSGSGSGTAFTLTISRLEAEDVGVYYCMQHLEYPLTFGA
GTKLEL
;
D
4 'polypeptide(L)'
;ALLALAVLATVGGNLLVIVAIAWTPRLQTMTNVFVTSLAAADLVMGLLVVPPAATLALTGHWPLGATGCELWTSVDVLCV
TASIWTLCALAVDRYLAVTNPLRYGALVTKRCARTAVVLVWVVSAAVSFAPIMSQWWRVGADAEAQRCHSNPRCCAFASN
MPYVLLSSSVSFYLPLLVMLFVYARVFVVATRQLRLLRGELGRFPPEESPPAPSRSLAPAPVGTCAPPEGVPACGRRPAR
LLPLREHRALCTLGLIMGTFTLCWLPFFLANVLRALGGPSLVPGPAFLALNWLGYANSAFNPLIYCRSPDFRSAFRRLLC
R
;
R
5 'polypeptide(L)'
;LSAEDKAAVERSKMIEKQLQKDKQVYRATHRLLLLGADNSGKSTIVKQMRILHVNGFNGEGGEEDPQAARSNSDGEKATK
VQDIKNNLKEAIETIVAAMSNLVPPVELANPENQFRVDYILSVMNVPDFDFPPEFYEHAKALWEDEGVRACYERSNEYQL
IDCAQYFLDKIDVIKQDDYVPSDQDLLRCRVLTSGIFETKFQVDKVNFHMFDVGGQRDERRKWIQCFNDVTAIIFVVDSS
DYNRLQEALNLFKSIWNNRWLRTISVILFLNKQDLLAEKVLAGKSKIEDYFPEFARYTTPEDATPEPGEDPRVTRAKYFI
RDEFLRISTASGDGRHYCYPHFTCAVDTENARRIFNDCRDIIQRMHLRQYELL
;
A
6 'polypeptide(L)' AQARKLVEQLKMEANIDRIKVSKAAADLMAYCEAHAKEDPLLTPVPASENPF C
#
# COMPACT_ATOMS: atom_id res chain seq x y z
N GLN A 1 44.72 -26.77 2.08
CA GLN A 1 43.47 -27.10 2.75
C GLN A 1 42.55 -27.91 1.85
N SER A 2 43.16 -28.60 0.88
CA SER A 2 42.46 -29.46 -0.08
C SER A 2 41.47 -28.61 -0.87
N GLU A 3 40.17 -28.91 -0.84
CA GLU A 3 39.22 -28.14 -1.63
C GLU A 3 39.16 -26.68 -1.16
N LEU A 4 39.11 -26.46 0.15
CA LEU A 4 38.94 -25.12 0.68
C LEU A 4 40.07 -24.19 0.28
N ASP A 5 41.23 -24.73 -0.08
CA ASP A 5 42.32 -23.91 -0.59
C ASP A 5 42.32 -23.86 -2.11
N GLN A 6 42.20 -25.03 -2.76
CA GLN A 6 42.33 -25.10 -4.22
C GLN A 6 41.20 -24.34 -4.90
N LEU A 7 39.96 -24.62 -4.54
CA LEU A 7 38.83 -23.96 -5.18
C LEU A 7 38.81 -22.48 -4.87
N ARG A 8 39.16 -22.10 -3.64
CA ARG A 8 39.22 -20.69 -3.29
C ARG A 8 40.27 -19.95 -4.11
N GLN A 9 41.43 -20.58 -4.30
CA GLN A 9 42.51 -19.98 -5.10
C GLN A 9 42.09 -19.87 -6.57
N GLU A 10 41.56 -20.96 -7.15
CA GLU A 10 41.26 -20.93 -8.61
C GLU A 10 40.24 -19.82 -8.83
N ALA A 11 39.22 -19.77 -7.98
CA ALA A 11 38.23 -18.70 -8.08
C ALA A 11 38.95 -17.34 -8.01
N GLU A 12 39.68 -17.12 -6.92
CA GLU A 12 40.40 -15.82 -6.73
C GLU A 12 41.14 -15.44 -8.01
N GLN A 13 41.81 -16.39 -8.66
CA GLN A 13 42.48 -16.04 -9.94
C GLN A 13 41.39 -15.70 -10.96
N LEU A 14 40.36 -16.54 -11.06
CA LEU A 14 39.36 -16.30 -12.10
C LEU A 14 38.75 -14.91 -11.95
N LYS A 15 38.43 -14.51 -10.72
CA LYS A 15 37.89 -13.17 -10.50
C LYS A 15 38.88 -12.10 -10.90
N ASN A 16 40.17 -12.31 -10.62
CA ASN A 16 41.19 -11.38 -11.08
C ASN A 16 41.23 -11.32 -12.60
N GLN A 17 41.07 -12.47 -13.27
CA GLN A 17 41.04 -12.47 -14.73
C GLN A 17 39.84 -11.69 -15.26
N ILE A 18 38.67 -11.86 -14.64
CA ILE A 18 37.50 -11.09 -15.06
C ILE A 18 37.74 -9.60 -14.87
N ARG A 19 38.30 -9.23 -13.72
CA ARG A 19 38.58 -7.82 -13.46
C ARG A 19 39.53 -7.24 -14.49
N ASP A 20 40.58 -7.99 -14.83
CA ASP A 20 41.52 -7.53 -15.85
C ASP A 20 40.85 -7.39 -17.21
N ALA A 21 39.97 -8.35 -17.55
CA ALA A 21 39.27 -8.26 -18.82
C ALA A 21 38.36 -7.04 -18.88
N ARG A 22 37.66 -6.74 -17.77
CA ARG A 22 36.81 -5.55 -17.73
C ARG A 22 37.65 -4.29 -17.85
N LYS A 23 38.81 -4.27 -17.18
CA LYS A 23 39.70 -3.11 -17.29
C LYS A 23 40.16 -2.90 -18.73
N ALA A 24 40.51 -4.00 -19.41
CA ALA A 24 40.93 -3.90 -20.80
C ALA A 24 39.80 -3.42 -21.69
N CYS A 25 38.58 -3.92 -21.46
CA CYS A 25 37.45 -3.53 -22.29
C CYS A 25 36.95 -2.13 -21.98
N ALA A 26 37.31 -1.57 -20.82
CA ALA A 26 36.86 -0.23 -20.44
C ALA A 26 37.67 0.80 -21.24
N ASP A 27 37.31 0.92 -22.52
CA ASP A 27 38.01 1.87 -23.39
C ASP A 27 37.77 3.31 -22.96
N ALA A 28 36.52 3.64 -22.64
CA ALA A 28 36.16 5.01 -22.25
C ALA A 28 34.82 4.98 -21.54
N THR A 29 34.67 5.83 -20.51
CA THR A 29 33.43 5.84 -19.71
C THR A 29 32.26 6.40 -20.53
N LEU A 30 31.03 5.93 -20.26
CA LEU A 30 29.83 6.43 -20.98
C LEU A 30 29.65 7.91 -20.68
N SER A 31 29.97 8.36 -19.46
CA SER A 31 29.76 9.77 -19.09
C SER A 31 30.44 10.69 -20.10
N GLN A 32 31.72 10.47 -20.37
CA GLN A 32 32.44 11.29 -21.38
C GLN A 32 31.86 10.96 -22.77
N ILE A 33 31.56 9.68 -23.02
CA ILE A 33 30.91 9.30 -24.32
C ILE A 33 29.73 10.25 -24.55
N THR A 34 29.09 10.71 -23.47
CA THR A 34 27.95 11.61 -23.61
C THR A 34 28.23 12.98 -22.99
N ASN A 35 29.49 13.35 -22.87
CA ASN A 35 29.85 14.65 -22.24
C ASN A 35 29.56 15.81 -23.20
N ASN A 36 29.21 15.52 -24.46
CA ASN A 36 28.97 16.57 -25.44
C ASN A 36 27.49 16.81 -25.75
N ILE A 37 26.62 15.87 -25.40
CA ILE A 37 25.22 15.99 -25.78
C ILE A 37 24.54 17.07 -24.96
N ASP A 38 23.40 17.52 -25.46
CA ASP A 38 22.66 18.57 -24.77
C ASP A 38 22.11 18.03 -23.45
N PRO A 39 22.12 18.83 -22.38
CA PRO A 39 21.44 18.40 -21.15
C PRO A 39 19.97 18.16 -21.41
N VAL A 40 19.45 17.09 -20.81
CA VAL A 40 18.02 16.73 -21.00
C VAL A 40 17.15 17.74 -20.24
N GLY A 41 17.79 18.70 -19.58
CA GLY A 41 17.04 19.72 -18.81
C GLY A 41 16.24 19.10 -17.69
N ARG A 42 15.18 19.77 -17.24
CA ARG A 42 14.36 19.27 -16.11
C ARG A 42 13.02 18.73 -16.66
N ILE A 43 12.66 17.50 -16.29
CA ILE A 43 11.37 16.91 -16.73
C ILE A 43 10.34 17.07 -15.61
N GLN A 44 9.62 18.21 -15.59
CA GLN A 44 8.63 18.47 -14.56
C GLN A 44 7.42 17.60 -14.85
N MET A 45 7.15 16.64 -13.97
CA MET A 45 6.03 15.72 -14.13
C MET A 45 5.05 15.96 -13.00
N ARG A 46 3.82 16.30 -13.34
CA ARG A 46 2.79 16.65 -12.38
C ARG A 46 1.85 15.47 -12.16
N THR A 47 1.38 15.34 -10.93
CA THR A 47 0.46 14.25 -10.58
C THR A 47 -0.85 14.47 -11.33
N ARG A 48 -1.06 13.70 -12.39
CA ARG A 48 -2.26 13.85 -13.19
C ARG A 48 -3.44 13.09 -12.60
N ARG A 49 -3.18 11.96 -11.95
CA ARG A 49 -4.23 11.13 -11.39
C ARG A 49 -3.80 10.62 -10.03
N THR A 50 -4.77 10.37 -9.16
CA THR A 50 -4.50 9.83 -7.83
C THR A 50 -5.54 8.76 -7.55
N LEU A 51 -5.11 7.51 -7.54
CA LEU A 51 -6.00 6.38 -7.29
C LEU A 51 -5.99 6.07 -5.80
N ARG A 52 -7.14 6.22 -5.15
CA ARG A 52 -7.26 6.04 -3.71
C ARG A 52 -8.36 5.03 -3.41
N GLY A 53 -8.01 3.76 -3.40
CA GLY A 53 -8.94 2.74 -2.95
C GLY A 53 -8.34 1.77 -1.95
N HIS A 54 -7.01 1.69 -1.92
CA HIS A 54 -6.36 0.72 -1.06
C HIS A 54 -6.43 1.16 0.40
N LEU A 55 -6.36 0.18 1.29
CA LEU A 55 -6.62 0.41 2.70
C LEU A 55 -5.35 0.54 3.53
N ALA A 56 -4.21 0.12 2.99
CA ALA A 56 -2.94 0.20 3.68
C ALA A 56 -1.85 0.40 2.65
N LYS A 57 -0.60 0.19 3.06
CA LYS A 57 0.52 0.46 2.18
C LYS A 57 0.45 -0.42 0.94
N ILE A 58 0.92 0.13 -0.18
CA ILE A 58 0.92 -0.55 -1.46
C ILE A 58 2.32 -1.08 -1.71
N TYR A 59 2.43 -2.40 -1.93
CA TYR A 59 3.74 -3.00 -2.15
C TYR A 59 4.16 -3.02 -3.61
N ALA A 60 3.22 -3.23 -4.53
CA ALA A 60 3.59 -3.37 -5.93
C ALA A 60 2.46 -2.90 -6.81
N MET A 61 2.81 -2.60 -8.06
CA MET A 61 1.84 -2.33 -9.12
C MET A 61 2.41 -2.87 -10.42
N HIS A 62 1.54 -3.04 -11.40
CA HIS A 62 1.96 -3.43 -12.74
C HIS A 62 0.98 -2.89 -13.76
N TRP A 63 1.51 -2.45 -14.89
CA TRP A 63 0.72 -1.90 -15.98
C TRP A 63 0.31 -3.00 -16.95
N GLY A 64 -0.90 -2.90 -17.48
CA GLY A 64 -1.28 -3.74 -18.59
C GLY A 64 -0.55 -3.34 -19.86
N THR A 65 -0.55 -4.26 -20.82
CA THR A 65 0.13 -3.98 -22.08
C THR A 65 -0.55 -2.88 -22.85
N ASP A 66 -1.85 -2.66 -22.61
CA ASP A 66 -2.59 -1.61 -23.29
C ASP A 66 -2.31 -0.23 -22.73
N SER A 67 -1.46 -0.15 -21.71
CA SER A 67 -1.04 1.16 -21.13
C SER A 67 -2.24 1.92 -20.56
N ARG A 68 -3.30 1.22 -20.14
CA ARG A 68 -4.45 1.87 -19.52
C ARG A 68 -4.89 1.19 -18.25
N LEU A 69 -4.82 -0.14 -18.19
CA LEU A 69 -5.22 -0.90 -17.01
C LEU A 69 -3.99 -1.23 -16.18
N LEU A 70 -4.11 -1.10 -14.87
CA LEU A 70 -3.03 -1.42 -13.96
C LEU A 70 -3.57 -2.16 -12.75
N VAL A 71 -2.74 -3.03 -12.19
CA VAL A 71 -3.07 -3.79 -11.00
C VAL A 71 -2.19 -3.30 -9.86
N SER A 72 -2.61 -3.58 -8.64
CA SER A 72 -1.84 -3.14 -7.49
C SER A 72 -2.16 -4.02 -6.29
N ALA A 73 -1.15 -4.27 -5.47
CA ALA A 73 -1.27 -5.07 -4.26
C ALA A 73 -1.01 -4.19 -3.05
N SER A 74 -1.69 -4.52 -1.95
CA SER A 74 -1.59 -3.72 -0.74
C SER A 74 -1.58 -4.63 0.48
N GLN A 75 -1.25 -4.03 1.62
CA GLN A 75 -1.21 -4.75 2.89
C GLN A 75 -2.58 -5.21 3.34
N ASP A 76 -3.65 -4.57 2.86
CA ASP A 76 -5.00 -4.98 3.23
C ASP A 76 -5.39 -6.33 2.65
N GLY A 77 -4.50 -7.00 1.93
CA GLY A 77 -4.83 -8.28 1.33
C GLY A 77 -5.85 -8.19 0.23
N LYS A 78 -5.77 -7.17 -0.61
CA LYS A 78 -6.67 -7.02 -1.74
C LYS A 78 -5.88 -6.64 -2.98
N LEU A 79 -6.35 -7.12 -4.12
CA LEU A 79 -5.77 -6.81 -5.43
C LEU A 79 -6.80 -5.99 -6.19
N ILE A 80 -6.40 -4.80 -6.64
CA ILE A 80 -7.32 -3.87 -7.29
C ILE A 80 -6.80 -3.56 -8.68
N ILE A 81 -7.67 -3.70 -9.67
CA ILE A 81 -7.38 -3.35 -11.05
C ILE A 81 -8.01 -2.01 -11.34
N TRP A 82 -7.21 -1.05 -11.78
CA TRP A 82 -7.67 0.31 -12.00
C TRP A 82 -7.73 0.62 -13.50
N ASP A 83 -8.68 1.46 -13.87
CA ASP A 83 -8.68 2.12 -15.16
C ASP A 83 -8.09 3.50 -14.92
N SER A 84 -6.82 3.69 -15.30
CA SER A 84 -6.12 4.91 -14.95
C SER A 84 -6.76 6.13 -15.60
N TYR A 85 -7.36 5.97 -16.78
CA TYR A 85 -7.96 7.11 -17.47
C TYR A 85 -9.11 7.68 -16.65
N THR A 86 -9.95 6.83 -16.08
CA THR A 86 -11.18 7.25 -15.43
C THR A 86 -11.18 6.99 -13.93
N THR A 87 -10.06 6.54 -13.36
CA THR A 87 -9.93 6.23 -11.94
C THR A 87 -10.85 5.11 -11.49
N ASN A 88 -11.58 4.51 -12.41
CA ASN A 88 -12.54 3.48 -12.05
C ASN A 88 -11.83 2.23 -11.56
N LYS A 89 -12.39 1.58 -10.55
CA LYS A 89 -11.91 0.30 -10.07
C LYS A 89 -12.57 -0.79 -10.89
N VAL A 90 -11.82 -1.35 -11.84
CA VAL A 90 -12.36 -2.40 -12.69
C VAL A 90 -12.60 -3.67 -11.88
N HIS A 91 -11.72 -3.97 -10.93
CA HIS A 91 -11.84 -5.17 -10.14
C HIS A 91 -11.29 -4.92 -8.74
N ALA A 92 -11.78 -5.70 -7.79
CA ALA A 92 -11.22 -5.74 -6.44
C ALA A 92 -11.18 -7.20 -6.02
N ILE A 93 -9.98 -7.75 -5.88
CA ILE A 93 -9.78 -9.19 -5.69
C ILE A 93 -9.35 -9.42 -4.26
N PRO A 94 -10.19 -9.98 -3.40
CA PRO A 94 -9.73 -10.35 -2.05
C PRO A 94 -8.68 -11.45 -2.13
N LEU A 95 -7.68 -11.35 -1.27
CA LEU A 95 -6.55 -12.27 -1.26
C LEU A 95 -6.55 -13.08 0.02
N ARG A 96 -6.18 -14.36 -0.10
CA ARG A 96 -6.13 -15.22 1.07
C ARG A 96 -5.06 -14.76 2.05
N SER A 97 -3.89 -14.38 1.56
CA SER A 97 -2.79 -13.92 2.40
C SER A 97 -2.61 -12.42 2.19
N SER A 98 -2.48 -11.69 3.29
CA SER A 98 -2.44 -10.22 3.26
C SER A 98 -1.02 -9.67 3.18
N TRP A 99 -0.02 -10.52 2.97
CA TRP A 99 1.38 -10.10 2.93
C TRP A 99 1.95 -10.22 1.52
N VAL A 100 1.16 -9.86 0.52
CA VAL A 100 1.57 -10.02 -0.87
C VAL A 100 2.55 -8.91 -1.23
N MET A 101 3.78 -9.29 -1.55
CA MET A 101 4.82 -8.33 -1.86
C MET A 101 4.98 -8.06 -3.34
N THR A 102 4.17 -8.68 -4.19
CA THR A 102 4.31 -8.45 -5.63
C THR A 102 2.98 -8.75 -6.32
N CYS A 103 2.86 -8.21 -7.53
CA CYS A 103 1.73 -8.48 -8.40
C CYS A 103 2.22 -8.40 -9.84
N ALA A 104 1.53 -9.11 -10.73
CA ALA A 104 1.96 -9.16 -12.14
C ALA A 104 0.76 -9.07 -13.08
N TYR A 105 0.88 -8.32 -14.18
CA TYR A 105 -0.23 -8.14 -15.15
C TYR A 105 0.09 -8.91 -16.43
N ALA A 106 -0.60 -10.03 -16.67
CA ALA A 106 -0.34 -10.84 -17.89
C ALA A 106 -0.31 -9.93 -19.12
N PRO A 107 0.66 -10.10 -20.05
CA PRO A 107 0.72 -9.29 -21.28
C PRO A 107 -0.52 -9.44 -22.14
N SER A 108 -1.14 -10.61 -22.16
CA SER A 108 -2.39 -10.79 -22.86
C SER A 108 -3.55 -10.12 -22.14
N GLY A 109 -3.43 -9.89 -20.84
CA GLY A 109 -4.48 -9.27 -20.07
C GLY A 109 -5.50 -10.20 -19.49
N ASN A 110 -5.41 -11.50 -19.77
CA ASN A 110 -6.41 -12.44 -19.28
C ASN A 110 -6.23 -12.75 -17.80
N TYR A 111 -5.00 -12.87 -17.33
CA TYR A 111 -4.71 -13.30 -15.97
C TYR A 111 -3.97 -12.23 -15.20
N VAL A 112 -3.91 -12.44 -13.89
CA VAL A 112 -3.11 -11.62 -12.98
C VAL A 112 -2.41 -12.56 -12.01
N ALA A 113 -1.32 -12.08 -11.41
CA ALA A 113 -0.52 -12.89 -10.51
C ALA A 113 -0.27 -12.13 -9.22
N CYS A 114 -0.09 -12.89 -8.13
CA CYS A 114 0.15 -12.30 -6.83
C CYS A 114 0.90 -13.30 -5.97
N GLY A 115 1.73 -12.79 -5.07
CA GLY A 115 2.49 -13.64 -4.19
C GLY A 115 3.16 -12.81 -3.13
N GLY A 116 3.71 -13.50 -2.12
CA GLY A 116 4.34 -12.82 -1.02
C GLY A 116 4.93 -13.76 0.01
N LEU A 117 4.68 -13.48 1.29
CA LEU A 117 5.24 -14.27 2.37
C LEU A 117 4.68 -15.69 2.42
N ASP A 118 3.63 -15.99 1.66
CA ASP A 118 3.06 -17.32 1.63
C ASP A 118 3.82 -18.29 0.74
N ASN A 119 4.88 -17.82 0.07
CA ASN A 119 5.76 -18.66 -0.75
C ASN A 119 5.02 -19.29 -1.93
N ILE A 120 3.88 -18.74 -2.31
CA ILE A 120 3.04 -19.30 -3.36
C ILE A 120 2.68 -18.19 -4.33
N CYS A 121 2.81 -18.47 -5.62
CA CYS A 121 2.35 -17.57 -6.66
C CYS A 121 0.93 -17.95 -7.06
N SER A 122 -0.01 -17.03 -6.89
CA SER A 122 -1.41 -17.27 -7.20
C SER A 122 -1.76 -16.59 -8.51
N ILE A 123 -2.45 -17.31 -9.40
CA ILE A 123 -2.87 -16.79 -10.69
C ILE A 123 -4.38 -16.66 -10.69
N TYR A 124 -4.88 -15.47 -11.01
CA TYR A 124 -6.30 -15.17 -11.00
C TYR A 124 -6.79 -14.92 -12.42
N ASN A 125 -7.84 -15.63 -12.82
CA ASN A 125 -8.43 -15.46 -14.13
C ASN A 125 -9.40 -14.28 -14.10
N LEU A 126 -9.23 -13.35 -15.04
CA LEU A 126 -10.09 -12.17 -15.09
C LEU A 126 -11.28 -12.38 -16.03
N LYS A 127 -11.01 -13.03 -17.16
CA LYS A 127 -12.07 -13.28 -18.18
C LYS A 127 -12.61 -14.69 -17.99
N THR A 128 -13.58 -14.87 -17.10
CA THR A 128 -14.19 -16.16 -16.85
C THR A 128 -15.70 -16.06 -17.01
N ARG A 129 -16.32 -17.19 -17.36
CA ARG A 129 -17.76 -17.20 -17.61
C ARG A 129 -18.55 -16.89 -16.36
N GLU A 130 -18.00 -17.18 -15.18
CA GLU A 130 -18.73 -16.94 -13.94
C GLU A 130 -18.91 -15.45 -13.65
N GLY A 131 -18.06 -14.60 -14.20
CA GLY A 131 -18.18 -13.17 -14.03
C GLY A 131 -17.42 -12.60 -12.85
N ASN A 132 -16.86 -13.43 -11.98
CA ASN A 132 -16.06 -12.97 -10.85
C ASN A 132 -14.63 -13.46 -11.01
N VAL A 133 -13.69 -12.66 -10.52
CA VAL A 133 -12.28 -13.04 -10.60
C VAL A 133 -12.05 -14.24 -9.69
N ARG A 134 -11.56 -15.33 -10.27
CA ARG A 134 -11.37 -16.59 -9.57
C ARG A 134 -9.93 -17.03 -9.71
N VAL A 135 -9.34 -17.50 -8.61
CA VAL A 135 -7.99 -18.03 -8.66
C VAL A 135 -7.98 -19.31 -9.48
N SER A 136 -7.01 -19.41 -10.39
CA SER A 136 -6.96 -20.59 -11.31
C SER A 136 -5.80 -21.51 -10.91
N ARG A 137 -4.61 -20.95 -10.67
CA ARG A 137 -3.43 -21.81 -10.38
C ARG A 137 -2.64 -21.25 -9.19
N GLU A 138 -2.41 -22.08 -8.17
CA GLU A 138 -1.59 -21.65 -7.04
C GLU A 138 -0.25 -22.37 -7.16
N LEU A 139 0.77 -21.65 -7.59
CA LEU A 139 2.08 -22.22 -7.86
C LEU A 139 2.86 -22.34 -6.56
N ALA A 140 3.03 -23.56 -6.08
CA ALA A 140 3.82 -23.84 -4.89
C ALA A 140 5.09 -24.59 -5.28
N GLY A 141 6.11 -24.44 -4.45
CA GLY A 141 7.39 -25.07 -4.74
C GLY A 141 8.57 -24.22 -4.33
N HIS A 142 8.32 -22.94 -4.02
CA HIS A 142 9.33 -22.06 -3.49
C HIS A 142 9.38 -22.19 -1.98
N THR A 143 10.58 -22.16 -1.43
CA THR A 143 10.80 -22.30 0.01
C THR A 143 11.01 -20.97 0.71
N GLY A 144 10.76 -19.86 0.02
CA GLY A 144 10.88 -18.54 0.61
C GLY A 144 9.83 -17.61 0.06
N TYR A 145 9.79 -16.39 0.61
CA TYR A 145 8.80 -15.42 0.18
C TYR A 145 9.03 -15.04 -1.27
N LEU A 146 7.94 -14.71 -1.97
CA LEU A 146 8.04 -14.36 -3.41
C LEU A 146 8.27 -12.86 -3.58
N SER A 147 9.50 -12.47 -3.94
CA SER A 147 9.83 -11.04 -4.12
C SER A 147 9.22 -10.50 -5.42
N CYS A 148 9.22 -11.30 -6.49
CA CYS A 148 8.73 -10.77 -7.79
C CYS A 148 8.19 -11.90 -8.69
N CYS A 149 7.34 -11.55 -9.67
CA CYS A 149 6.79 -12.52 -10.60
C CYS A 149 6.44 -11.78 -11.87
N ARG A 150 6.76 -12.38 -13.02
CA ARG A 150 6.51 -11.75 -14.30
C ARG A 150 6.05 -12.80 -15.29
N PHE A 151 5.03 -12.46 -16.07
CA PHE A 151 4.45 -13.38 -17.03
C PHE A 151 5.30 -13.42 -18.29
N LEU A 152 5.82 -14.61 -18.63
CA LEU A 152 6.45 -14.79 -19.94
C LEU A 152 5.40 -14.81 -21.04
N ASP A 153 4.32 -15.56 -20.83
CA ASP A 153 3.21 -15.64 -21.75
C ASP A 153 1.98 -16.04 -20.95
N ASP A 154 0.93 -16.50 -21.63
CA ASP A 154 -0.33 -16.82 -20.90
C ASP A 154 -0.18 -18.10 -20.08
N ASN A 155 0.84 -18.92 -20.38
CA ASN A 155 1.00 -20.18 -19.66
C ASN A 155 2.31 -20.30 -18.89
N GLN A 156 3.24 -19.37 -19.07
CA GLN A 156 4.54 -19.42 -18.42
C GLN A 156 4.75 -18.15 -17.60
N ILE A 157 5.26 -18.31 -16.39
CA ILE A 157 5.53 -17.18 -15.51
C ILE A 157 6.89 -17.40 -14.85
N VAL A 158 7.65 -16.32 -14.71
CA VAL A 158 8.96 -16.36 -14.06
C VAL A 158 8.84 -15.64 -12.73
N THR A 159 9.17 -16.33 -11.65
CA THR A 159 9.09 -15.76 -10.32
C THR A 159 10.45 -15.81 -9.64
N SER A 160 10.69 -14.83 -8.77
CA SER A 160 11.90 -14.76 -7.96
C SER A 160 11.51 -14.81 -6.51
N SER A 161 12.21 -15.61 -5.73
CA SER A 161 11.83 -15.87 -4.35
C SER A 161 12.93 -15.43 -3.39
N GLY A 162 12.67 -15.47 -2.10
CA GLY A 162 13.71 -15.11 -1.15
C GLY A 162 14.43 -16.34 -0.69
N ASP A 163 14.30 -17.44 -1.42
CA ASP A 163 15.01 -18.68 -1.12
C ASP A 163 16.23 -18.72 -2.02
N THR A 164 16.70 -17.57 -2.47
CA THR A 164 17.95 -17.47 -3.25
C THR A 164 17.78 -18.09 -4.63
N THR A 165 16.57 -18.21 -5.13
CA THR A 165 16.32 -18.89 -6.39
C THR A 165 15.26 -18.15 -7.18
N CYS A 166 15.36 -18.25 -8.49
CA CYS A 166 14.30 -17.87 -9.40
C CYS A 166 13.82 -19.11 -10.14
N ALA A 167 12.55 -19.12 -10.51
CA ALA A 167 11.96 -20.29 -11.14
C ALA A 167 11.16 -19.88 -12.36
N LEU A 168 11.15 -20.76 -13.35
CA LEU A 168 10.25 -20.66 -14.49
C LEU A 168 9.19 -21.72 -14.35
N TRP A 169 7.93 -21.31 -14.30
CA TRP A 169 6.83 -22.22 -14.06
C TRP A 169 6.09 -22.53 -15.36
N ASP A 170 5.05 -23.36 -15.21
CA ASP A 170 4.14 -23.70 -16.33
C ASP A 170 2.75 -23.76 -15.69
N ILE A 171 1.92 -22.72 -15.86
CA ILE A 171 0.66 -22.64 -15.13
C ILE A 171 -0.24 -23.81 -15.45
N GLU A 172 -0.14 -24.37 -16.66
CA GLU A 172 -0.93 -25.54 -17.02
C GLU A 172 -0.69 -26.68 -16.06
N THR A 173 0.54 -27.18 -16.00
CA THR A 173 0.85 -28.30 -15.10
C THR A 173 1.06 -27.84 -13.67
N GLY A 174 1.41 -26.57 -13.47
CA GLY A 174 1.65 -26.07 -12.14
C GLY A 174 3.00 -26.42 -11.54
N GLN A 175 3.93 -26.94 -12.35
CA GLN A 175 5.24 -27.37 -11.89
C GLN A 175 6.32 -26.48 -12.49
N GLN A 176 7.45 -26.41 -11.80
CA GLN A 176 8.59 -25.62 -12.26
C GLN A 176 9.30 -26.35 -13.38
N THR A 177 9.32 -25.76 -14.57
CA THR A 177 10.08 -26.35 -15.67
C THR A 177 11.56 -26.09 -15.52
N THR A 178 11.94 -24.99 -14.87
CA THR A 178 13.34 -24.65 -14.66
C THR A 178 13.51 -23.96 -13.32
N THR A 179 14.63 -24.20 -12.67
CA THR A 179 14.99 -23.53 -11.43
C THR A 179 16.36 -22.90 -11.60
N PHE A 180 16.46 -21.60 -11.35
CA PHE A 180 17.69 -20.86 -11.52
C PHE A 180 18.33 -20.65 -10.15
N THR A 181 19.54 -21.19 -9.99
CA THR A 181 20.26 -21.14 -8.72
C THR A 181 21.61 -20.45 -8.92
N GLY A 182 22.11 -19.86 -7.82
CA GLY A 182 23.39 -19.19 -7.88
C GLY A 182 23.46 -17.95 -7.02
N HIS A 183 22.32 -17.34 -6.74
CA HIS A 183 22.31 -16.15 -5.88
C HIS A 183 22.62 -16.53 -4.45
N THR A 184 23.39 -15.67 -3.77
CA THR A 184 23.76 -15.94 -2.38
C THR A 184 22.66 -15.51 -1.42
N GLY A 185 22.05 -14.35 -1.66
CA GLY A 185 20.97 -13.85 -0.83
C GLY A 185 19.63 -13.86 -1.55
N ASP A 186 18.62 -13.24 -0.94
CA ASP A 186 17.26 -13.23 -1.53
C ASP A 186 17.25 -12.51 -2.88
N VAL A 187 16.46 -12.99 -3.86
CA VAL A 187 16.38 -12.34 -5.18
C VAL A 187 15.25 -11.33 -5.00
N MET A 188 15.54 -10.05 -5.02
CA MET A 188 14.55 -9.00 -4.64
C MET A 188 13.76 -8.52 -5.87
N SER A 189 14.24 -8.81 -7.07
CA SER A 189 13.56 -8.31 -8.25
C SER A 189 14.03 -9.08 -9.47
N LEU A 190 13.20 -9.08 -10.51
CA LEU A 190 13.55 -9.65 -11.80
C LEU A 190 12.95 -8.78 -12.89
N SER A 191 13.66 -8.70 -14.01
CA SER A 191 13.23 -7.92 -15.17
C SER A 191 13.36 -8.78 -16.42
N LEU A 192 12.28 -8.89 -17.18
CA LEU A 192 12.28 -9.67 -18.41
C LEU A 192 12.74 -8.81 -19.58
N ALA A 193 13.56 -9.39 -20.44
CA ALA A 193 14.07 -8.67 -21.60
C ALA A 193 12.96 -8.43 -22.61
N PRO A 194 13.13 -7.44 -23.50
CA PRO A 194 12.12 -7.23 -24.54
C PRO A 194 11.87 -8.46 -25.40
N ASP A 195 12.92 -9.21 -25.74
CA ASP A 195 12.75 -10.45 -26.48
C ASP A 195 12.32 -11.61 -25.59
N THR A 196 12.36 -11.44 -24.28
CA THR A 196 11.95 -12.42 -23.28
C THR A 196 12.72 -13.73 -23.37
N ARG A 197 13.84 -13.76 -24.10
CA ARG A 197 14.65 -14.97 -24.13
C ARG A 197 15.57 -15.08 -22.93
N LEU A 198 15.76 -14.00 -22.18
CA LEU A 198 16.59 -14.01 -20.98
C LEU A 198 16.10 -12.92 -20.04
N PHE A 199 16.48 -13.04 -18.78
CA PHE A 199 16.07 -12.07 -17.77
C PHE A 199 17.19 -11.87 -16.77
N VAL A 200 17.13 -10.75 -16.05
CA VAL A 200 18.11 -10.41 -15.04
C VAL A 200 17.40 -10.35 -13.69
N SER A 201 18.16 -10.59 -12.63
CA SER A 201 17.61 -10.63 -11.28
C SER A 201 18.59 -10.00 -10.31
N GLY A 202 18.08 -9.17 -9.42
CA GLY A 202 18.89 -8.52 -8.40
C GLY A 202 18.63 -9.17 -7.05
N ALA A 203 19.71 -9.50 -6.36
CA ALA A 203 19.65 -10.26 -5.11
C ALA A 203 20.21 -9.43 -3.97
N CYS A 204 20.15 -10.01 -2.77
CA CYS A 204 20.73 -9.42 -1.58
C CYS A 204 22.20 -9.78 -1.40
N ASP A 205 22.88 -10.18 -2.47
CA ASP A 205 24.32 -10.36 -2.46
C ASP A 205 25.05 -9.23 -3.18
N ALA A 206 24.35 -8.13 -3.46
CA ALA A 206 24.90 -6.98 -4.18
C ALA A 206 25.36 -7.37 -5.58
N SER A 207 24.74 -8.39 -6.17
CA SER A 207 25.08 -8.83 -7.51
C SER A 207 23.79 -9.10 -8.28
N ALA A 208 23.87 -8.97 -9.60
CA ALA A 208 22.76 -9.23 -10.50
C ALA A 208 23.21 -10.20 -11.56
N LYS A 209 22.42 -11.25 -11.79
CA LYS A 209 22.76 -12.29 -12.74
C LYS A 209 21.81 -12.24 -13.91
N LEU A 210 22.33 -12.62 -15.08
CA LEU A 210 21.55 -12.68 -16.32
C LEU A 210 21.31 -14.16 -16.64
N TRP A 211 20.05 -14.58 -16.60
CA TRP A 211 19.68 -15.97 -16.79
C TRP A 211 19.10 -16.18 -18.18
N ASP A 212 19.56 -17.22 -18.87
CA ASP A 212 18.97 -17.64 -20.14
C ASP A 212 17.81 -18.57 -19.84
N VAL A 213 16.60 -18.18 -20.25
CA VAL A 213 15.39 -18.88 -19.82
C VAL A 213 15.38 -20.31 -20.34
N ARG A 214 15.76 -20.50 -21.61
CA ARG A 214 15.67 -21.82 -22.21
C ARG A 214 16.62 -22.81 -21.54
N GLU A 215 17.92 -22.52 -21.55
CA GLU A 215 18.90 -23.44 -20.99
C GLU A 215 18.91 -23.43 -19.46
N GLY A 216 18.33 -22.40 -18.84
CA GLY A 216 18.31 -22.34 -17.39
C GLY A 216 19.67 -22.18 -16.75
N MET A 217 20.51 -21.31 -17.31
CA MET A 217 21.87 -21.09 -16.82
C MET A 217 22.14 -19.60 -16.71
N CYS A 218 23.05 -19.25 -15.81
CA CYS A 218 23.45 -17.86 -15.62
C CYS A 218 24.52 -17.51 -16.65
N ARG A 219 24.18 -16.66 -17.61
CA ARG A 219 25.15 -16.28 -18.63
C ARG A 219 26.22 -15.37 -18.07
N GLN A 220 25.82 -14.35 -17.31
CA GLN A 220 26.75 -13.35 -16.80
C GLN A 220 26.38 -12.98 -15.38
N THR A 221 27.37 -12.47 -14.65
CA THR A 221 27.17 -11.99 -13.29
C THR A 221 27.80 -10.60 -13.18
N PHE A 222 27.02 -9.65 -12.70
CA PHE A 222 27.45 -8.26 -12.58
C PHE A 222 27.55 -7.88 -11.13
N THR A 223 28.68 -7.28 -10.75
CA THR A 223 28.89 -6.75 -9.41
C THR A 223 29.27 -5.28 -9.50
N GLY A 224 29.33 -4.64 -8.34
CA GLY A 224 29.65 -3.22 -8.28
C GLY A 224 28.89 -2.51 -7.20
N HIS A 225 27.76 -3.10 -6.76
CA HIS A 225 27.01 -2.51 -5.64
C HIS A 225 27.58 -3.08 -4.34
N GLU A 226 27.31 -2.42 -3.20
CA GLU A 226 27.86 -2.88 -1.90
C GLU A 226 26.71 -3.24 -0.94
N SER A 227 25.47 -2.95 -1.34
CA SER A 227 24.30 -3.27 -0.49
C SER A 227 23.30 -4.13 -1.27
N ASP A 228 22.26 -4.64 -0.59
CA ASP A 228 21.28 -5.49 -1.26
C ASP A 228 20.60 -4.75 -2.40
N ILE A 229 20.47 -5.42 -3.54
CA ILE A 229 19.80 -4.84 -4.69
C ILE A 229 18.29 -5.03 -4.54
N ASN A 230 17.55 -3.94 -4.61
CA ASN A 230 16.10 -3.98 -4.46
C ASN A 230 15.35 -3.87 -5.78
N ALA A 231 15.90 -3.17 -6.76
CA ALA A 231 15.22 -2.87 -7.99
C ALA A 231 16.05 -3.29 -9.18
N ILE A 232 15.38 -3.77 -10.22
CA ILE A 232 16.02 -4.13 -11.47
C ILE A 232 15.07 -3.76 -12.60
N CYS A 233 15.64 -3.34 -13.73
CA CYS A 233 14.81 -2.91 -14.88
C CYS A 233 15.62 -3.06 -16.18
N PHE A 234 15.13 -3.75 -17.18
CA PHE A 234 15.89 -3.94 -18.44
C PHE A 234 15.76 -2.70 -19.31
N PHE A 235 16.85 -2.27 -19.91
CA PHE A 235 16.85 -1.17 -20.85
C PHE A 235 15.94 -1.50 -22.03
N PRO A 236 15.26 -0.51 -22.60
CA PRO A 236 14.36 -0.80 -23.73
C PRO A 236 15.05 -1.48 -24.90
N ASN A 237 16.32 -1.15 -25.15
CA ASN A 237 17.07 -1.83 -26.19
C ASN A 237 17.20 -3.32 -25.87
N GLY A 238 17.25 -3.66 -24.59
CA GLY A 238 17.40 -5.03 -24.16
C GLY A 238 18.84 -5.47 -23.96
N ASN A 239 19.81 -4.61 -24.27
CA ASN A 239 21.22 -4.94 -24.12
C ASN A 239 21.83 -4.32 -22.87
N ALA A 240 21.01 -3.82 -21.95
CA ALA A 240 21.52 -3.22 -20.72
C ALA A 240 20.40 -3.24 -19.69
N PHE A 241 20.76 -2.96 -18.45
CA PHE A 241 19.78 -2.87 -17.38
C PHE A 241 20.30 -1.95 -16.29
N ALA A 242 19.40 -1.53 -15.42
CA ALA A 242 19.73 -0.66 -14.30
C ALA A 242 19.29 -1.33 -13.00
N THR A 243 20.07 -1.11 -11.95
CA THR A 243 19.84 -1.71 -10.65
C THR A 243 19.72 -0.64 -9.59
N GLY A 244 18.81 -0.84 -8.62
CA GLY A 244 18.68 0.10 -7.48
C GLY A 244 18.93 -0.61 -6.16
N SER A 245 19.94 -0.17 -5.39
CA SER A 245 20.30 -0.85 -4.13
C SER A 245 20.23 0.13 -2.95
N ASP A 246 20.38 -0.49 -1.80
CA ASP A 246 20.31 0.22 -0.51
C ASP A 246 21.57 1.04 -0.29
N ASP A 247 22.54 0.93 -1.18
CA ASP A 247 23.68 1.85 -1.06
C ASP A 247 23.19 3.26 -1.42
N ALA A 248 21.93 3.46 -1.89
CA ALA A 248 21.45 4.78 -2.31
C ALA A 248 22.04 5.14 -3.68
N THR A 249 22.54 4.13 -4.42
CA THR A 249 23.07 4.39 -5.75
C THR A 249 22.40 3.48 -6.76
N CYS A 250 22.20 4.02 -7.97
CA CYS A 250 21.72 3.24 -9.10
C CYS A 250 22.87 3.08 -10.09
N ARG A 251 22.99 1.89 -10.67
CA ARG A 251 24.06 1.59 -11.59
C ARG A 251 23.49 0.99 -12.87
N LEU A 252 24.11 1.32 -13.99
CA LEU A 252 23.71 0.82 -15.30
C LEU A 252 24.76 -0.17 -15.79
N PHE A 253 24.33 -1.40 -16.04
CA PHE A 253 25.22 -2.47 -16.48
C PHE A 253 24.89 -2.84 -17.92
N ASP A 254 25.92 -2.97 -18.74
CA ASP A 254 25.76 -3.37 -20.14
C ASP A 254 26.00 -4.86 -20.28
N LEU A 255 25.09 -5.56 -20.95
CA LEU A 255 25.22 -7.00 -21.11
C LEU A 255 26.49 -7.37 -21.87
N ARG A 256 26.77 -6.66 -22.96
CA ARG A 256 27.92 -6.99 -23.79
C ARG A 256 29.23 -6.52 -23.16
N ALA A 257 29.23 -5.36 -22.52
CA ALA A 257 30.41 -4.89 -21.82
C ALA A 257 30.63 -5.58 -20.48
N ASP A 258 29.58 -6.16 -19.90
CA ASP A 258 29.66 -6.94 -18.67
C ASP A 258 30.18 -6.11 -17.49
N GLN A 259 29.89 -4.81 -17.48
CA GLN A 259 30.36 -3.99 -16.37
C GLN A 259 29.46 -2.79 -16.20
N GLU A 260 29.57 -2.14 -15.05
CA GLU A 260 28.81 -0.93 -14.78
C GLU A 260 29.28 0.18 -15.69
N LEU A 261 28.33 0.89 -16.30
CA LEU A 261 28.65 2.01 -17.17
C LEU A 261 28.55 3.36 -16.47
N MET A 262 27.70 3.48 -15.46
CA MET A 262 27.45 4.76 -14.82
C MET A 262 26.73 4.54 -13.51
N THR A 263 27.11 5.30 -12.50
CA THR A 263 26.48 5.25 -11.18
C THR A 263 25.65 6.52 -10.99
N TYR A 264 24.37 6.33 -10.67
CA TYR A 264 23.45 7.44 -10.49
C TYR A 264 23.26 7.68 -8.99
N SER A 265 24.07 8.58 -8.44
CA SER A 265 24.00 8.88 -7.02
C SER A 265 24.55 10.27 -6.76
N HIS A 266 24.20 10.82 -5.62
CA HIS A 266 24.73 12.09 -5.14
C HIS A 266 25.09 11.96 -3.68
N ASP A 267 26.01 12.83 -3.23
CA ASP A 267 26.54 12.72 -1.88
C ASP A 267 25.45 12.94 -0.82
N ASN A 268 24.42 13.71 -1.14
CA ASN A 268 23.38 14.01 -0.17
C ASN A 268 22.25 12.99 -0.18
N ILE A 269 22.30 12.00 -1.07
CA ILE A 269 21.28 10.95 -1.13
C ILE A 269 21.78 9.78 -0.29
N ILE A 270 21.15 9.55 0.85
CA ILE A 270 21.54 8.49 1.76
C ILE A 270 20.42 7.48 1.97
N CYS A 271 19.45 7.45 1.06
CA CYS A 271 18.30 6.57 1.16
C CYS A 271 18.32 5.55 0.02
N GLY A 272 18.06 4.29 0.35
CA GLY A 272 18.08 3.25 -0.65
C GLY A 272 16.95 3.37 -1.65
N ILE A 273 17.15 2.75 -2.81
CA ILE A 273 16.19 2.77 -3.89
C ILE A 273 15.29 1.55 -3.77
N THR A 274 13.98 1.76 -3.84
CA THR A 274 13.02 0.66 -3.76
C THR A 274 12.54 0.19 -5.11
N SER A 275 12.59 1.04 -6.14
CA SER A 275 12.12 0.66 -7.46
C SER A 275 12.76 1.57 -8.50
N VAL A 276 13.02 1.01 -9.68
CA VAL A 276 13.55 1.76 -10.81
C VAL A 276 12.73 1.41 -12.04
N SER A 277 12.78 2.32 -13.03
CA SER A 277 12.12 2.08 -14.30
C SER A 277 12.77 2.96 -15.36
N PHE A 278 12.55 2.60 -16.61
CA PHE A 278 13.05 3.34 -17.76
C PHE A 278 11.87 3.91 -18.55
N SER A 279 12.17 4.90 -19.38
CA SER A 279 11.17 5.43 -20.29
C SER A 279 11.16 4.59 -21.57
N LYS A 280 10.34 5.00 -22.55
CA LYS A 280 10.34 4.30 -23.82
C LYS A 280 11.69 4.42 -24.52
N SER A 281 12.29 5.60 -24.50
CA SER A 281 13.58 5.81 -25.15
C SER A 281 14.76 5.45 -24.26
N GLY A 282 14.53 5.17 -22.99
CA GLY A 282 15.62 4.83 -22.10
C GLY A 282 16.52 5.97 -21.74
N ARG A 283 16.03 7.20 -21.86
CA ARG A 283 16.85 8.40 -21.53
C ARG A 283 16.63 8.80 -20.06
N LEU A 284 15.40 8.65 -19.56
CA LEU A 284 15.10 8.95 -18.17
C LEU A 284 15.01 7.66 -17.38
N LEU A 285 15.71 7.61 -16.26
CA LEU A 285 15.65 6.49 -15.34
C LEU A 285 14.99 6.98 -14.06
N LEU A 286 13.74 6.58 -13.84
CA LEU A 286 13.00 6.98 -12.66
C LEU A 286 13.29 6.00 -11.54
N ALA A 287 13.70 6.54 -10.39
CA ALA A 287 14.08 5.73 -9.24
C ALA A 287 13.30 6.20 -8.01
N GLY A 288 12.64 5.26 -7.34
CA GLY A 288 11.90 5.57 -6.13
C GLY A 288 12.75 5.25 -4.90
N TYR A 289 12.93 6.26 -4.06
CA TYR A 289 13.82 6.17 -2.91
C TYR A 289 13.01 6.00 -1.63
N ASP A 290 13.72 5.83 -0.52
CA ASP A 290 13.10 5.75 0.80
C ASP A 290 12.78 7.12 1.38
N ASP A 291 13.28 8.20 0.77
CA ASP A 291 13.04 9.56 1.24
C ASP A 291 11.67 10.09 0.86
N PHE A 292 10.78 9.22 0.41
CA PHE A 292 9.39 9.51 0.03
C PHE A 292 9.31 10.21 -1.31
N ASN A 293 10.43 10.44 -1.99
CA ASN A 293 10.46 11.17 -3.25
C ASN A 293 11.13 10.33 -4.31
N CYS A 294 10.60 10.38 -5.53
CA CYS A 294 11.19 9.69 -6.67
C CYS A 294 12.01 10.68 -7.48
N ASN A 295 13.21 10.28 -7.86
CA ASN A 295 14.09 11.09 -8.68
C ASN A 295 14.06 10.59 -10.12
N VAL A 296 14.18 11.52 -11.05
CA VAL A 296 14.22 11.20 -12.48
C VAL A 296 15.63 11.49 -12.96
N TRP A 297 16.38 10.43 -13.27
CA TRP A 297 17.78 10.55 -13.62
C TRP A 297 17.96 10.57 -15.12
N ASP A 298 18.85 11.43 -15.59
CA ASP A 298 19.28 11.37 -16.98
C ASP A 298 20.17 10.15 -17.17
N ALA A 299 19.66 9.14 -17.87
CA ALA A 299 20.35 7.85 -17.94
C ALA A 299 21.70 7.95 -18.64
N LEU A 300 21.95 9.02 -19.39
CA LEU A 300 23.20 9.17 -20.13
C LEU A 300 24.14 10.20 -19.53
N LYS A 301 23.68 11.02 -18.59
CA LYS A 301 24.49 12.10 -18.04
C LYS A 301 24.64 12.04 -16.52
N ALA A 302 23.92 11.17 -15.84
CA ALA A 302 23.98 10.93 -14.40
C ALA A 302 23.47 12.10 -13.56
N ASP A 303 23.08 13.21 -14.16
CA ASP A 303 22.59 14.35 -13.38
C ASP A 303 21.09 14.23 -13.19
N ARG A 304 20.65 14.52 -11.96
CA ARG A 304 19.23 14.43 -11.65
C ARG A 304 18.45 15.45 -12.48
N ALA A 305 17.47 14.96 -13.22
CA ALA A 305 16.69 15.81 -14.11
C ALA A 305 15.37 16.26 -13.52
N GLY A 306 14.91 15.63 -12.45
CA GLY A 306 13.65 16.02 -11.85
C GLY A 306 13.36 15.20 -10.62
N VAL A 307 12.34 15.62 -9.88
CA VAL A 307 11.90 14.95 -8.68
C VAL A 307 10.40 14.72 -8.79
N LEU A 308 9.96 13.50 -8.49
CA LEU A 308 8.54 13.18 -8.42
C LEU A 308 8.10 13.25 -6.96
N ALA A 309 8.09 14.47 -6.44
CA ALA A 309 7.69 14.72 -5.06
C ALA A 309 6.17 14.82 -4.97
N GLY A 310 5.64 14.37 -3.83
CA GLY A 310 4.21 14.42 -3.61
C GLY A 310 3.68 13.24 -2.83
N HIS A 311 4.53 12.21 -2.63
CA HIS A 311 4.10 11.00 -1.88
C HIS A 311 4.48 11.15 -0.40
N ASP A 312 3.57 10.88 0.52
CA ASP A 312 3.90 11.18 1.94
C ASP A 312 4.41 9.95 2.71
N ASN A 313 4.99 8.97 2.02
CA ASN A 313 5.66 7.84 2.72
C ASN A 313 6.59 7.19 1.71
N ARG A 314 7.02 5.96 1.95
CA ARG A 314 8.03 5.29 1.07
C ARG A 314 7.45 4.93 -0.31
N VAL A 315 8.17 5.28 -1.40
CA VAL A 315 7.72 4.92 -2.77
C VAL A 315 8.11 3.46 -3.00
N SER A 316 7.17 2.53 -2.87
CA SER A 316 7.44 1.10 -2.94
C SER A 316 7.63 0.61 -4.37
N CYS A 317 6.70 0.94 -5.26
CA CYS A 317 6.77 0.49 -6.64
C CYS A 317 6.68 1.68 -7.58
N LEU A 318 7.18 1.49 -8.80
CA LEU A 318 7.18 2.59 -9.80
C LEU A 318 7.31 1.97 -11.19
N GLY A 319 6.32 2.18 -12.06
CA GLY A 319 6.31 1.57 -13.37
C GLY A 319 5.87 2.55 -14.43
N VAL A 320 6.33 2.29 -15.65
CA VAL A 320 6.07 3.13 -16.81
C VAL A 320 5.23 2.33 -17.80
N THR A 321 4.23 2.99 -18.40
CA THR A 321 3.36 2.32 -19.35
C THR A 321 4.14 1.87 -20.57
N ASP A 322 3.63 0.83 -21.22
CA ASP A 322 4.31 0.31 -22.41
C ASP A 322 4.38 1.34 -23.53
N ASP A 323 3.41 2.24 -23.59
CA ASP A 323 3.44 3.33 -24.56
C ASP A 323 4.13 4.58 -24.03
N GLY A 324 4.62 4.54 -22.79
CA GLY A 324 5.39 5.65 -22.26
C GLY A 324 4.60 6.89 -21.94
N MET A 325 3.28 6.82 -21.92
CA MET A 325 2.48 8.01 -21.68
C MET A 325 2.63 8.51 -20.25
N ALA A 326 2.67 7.60 -19.28
CA ALA A 326 2.62 8.02 -17.89
C ALA A 326 3.50 7.11 -17.04
N VAL A 327 3.75 7.57 -15.81
CA VAL A 327 4.47 6.81 -14.80
C VAL A 327 3.58 6.72 -13.58
N ALA A 328 3.25 5.50 -13.18
CA ALA A 328 2.47 5.26 -11.97
C ALA A 328 3.40 4.92 -10.82
N THR A 329 3.20 5.57 -9.70
CA THR A 329 4.05 5.42 -8.52
C THR A 329 3.18 5.02 -7.34
N GLY A 330 3.47 3.86 -6.76
CA GLY A 330 2.79 3.41 -5.56
C GLY A 330 3.70 3.62 -4.36
N SER A 331 3.09 4.04 -3.25
CA SER A 331 3.84 4.32 -2.04
C SER A 331 3.13 3.68 -0.86
N TRP A 332 3.70 3.87 0.33
CA TRP A 332 3.19 3.26 1.54
C TRP A 332 2.08 4.07 2.20
N ASP A 333 1.67 5.17 1.60
CA ASP A 333 0.55 5.95 2.11
C ASP A 333 -0.78 5.53 1.51
N SER A 334 -0.83 4.38 0.83
CA SER A 334 -2.04 3.77 0.29
C SER A 334 -2.59 4.50 -0.92
N PHE A 335 -1.77 5.25 -1.64
CA PHE A 335 -2.23 5.98 -2.81
C PHE A 335 -1.33 5.71 -3.99
N LEU A 336 -1.94 5.53 -5.15
CA LEU A 336 -1.22 5.42 -6.42
C LEU A 336 -1.38 6.74 -7.17
N LYS A 337 -0.27 7.27 -7.68
CA LYS A 337 -0.28 8.52 -8.40
C LYS A 337 0.22 8.29 -9.82
N ILE A 338 -0.49 8.84 -10.79
CA ILE A 338 -0.09 8.77 -12.20
C ILE A 338 0.49 10.12 -12.58
N TRP A 339 1.68 10.11 -13.17
CA TRP A 339 2.37 11.38 -13.52
C TRP A 339 2.56 11.47 -15.04
N ASN A 340 2.34 12.66 -15.62
CA ASN A 340 2.55 12.85 -17.08
C ASN A 340 3.45 14.07 -17.29
N GLN B 1 32.90 -4.95 -6.13
CA GLN B 1 32.58 -6.23 -5.51
C GLN B 1 32.99 -6.25 -4.05
N VAL B 2 32.04 -6.57 -3.17
CA VAL B 2 32.31 -6.60 -1.74
C VAL B 2 33.20 -7.80 -1.44
N GLN B 3 34.43 -7.54 -1.00
CA GLN B 3 35.37 -8.58 -0.64
C GLN B 3 35.90 -8.27 0.75
N LEU B 4 35.80 -9.23 1.66
CA LEU B 4 36.26 -9.09 3.03
C LEU B 4 37.31 -10.17 3.27
N GLN B 5 38.58 -9.79 3.06
CA GLN B 5 39.71 -10.73 3.29
C GLN B 5 40.25 -10.49 4.69
N GLU B 6 40.22 -11.51 5.54
CA GLU B 6 40.71 -11.41 6.90
C GLU B 6 41.71 -12.53 7.18
N SER B 7 42.69 -12.22 8.01
CA SER B 7 43.82 -13.11 8.27
C SER B 7 44.34 -12.84 9.67
N GLY B 8 45.45 -13.49 10.01
CA GLY B 8 46.07 -13.32 11.30
C GLY B 8 45.88 -14.46 12.27
N GLY B 9 45.20 -15.54 11.86
CA GLY B 9 44.93 -16.65 12.76
C GLY B 9 46.01 -17.72 12.67
N GLY B 10 46.36 -18.29 13.82
CA GLY B 10 47.37 -19.32 13.88
C GLY B 10 47.30 -20.06 15.19
N LEU B 11 48.17 -21.05 15.33
CA LEU B 11 48.23 -21.87 16.53
C LEU B 11 48.94 -21.11 17.64
N VAL B 12 48.24 -20.88 18.74
CA VAL B 12 48.78 -20.14 19.89
C VAL B 12 48.44 -20.89 21.16
N GLN B 13 49.42 -20.96 22.07
CA GLN B 13 49.19 -21.64 23.37
C GLN B 13 48.22 -20.81 24.20
N PRO B 14 47.44 -21.42 25.11
CA PRO B 14 46.45 -20.70 25.91
C PRO B 14 47.07 -19.54 26.69
N GLY B 15 46.32 -18.46 26.83
CA GLY B 15 46.78 -17.29 27.52
C GLY B 15 47.63 -16.35 26.69
N GLY B 16 47.82 -16.64 25.40
CA GLY B 16 48.63 -15.80 24.55
C GLY B 16 47.86 -14.62 23.99
N SER B 17 48.45 -13.98 22.98
CA SER B 17 47.86 -12.83 22.33
C SER B 17 47.82 -13.07 20.82
N LEU B 18 46.84 -12.44 20.16
CA LEU B 18 46.65 -12.59 18.74
C LEU B 18 45.92 -11.38 18.20
N ARG B 19 46.37 -10.88 17.06
CA ARG B 19 45.73 -9.77 16.37
C ARG B 19 45.12 -10.29 15.07
N LEU B 20 43.82 -10.06 14.91
CA LEU B 20 43.10 -10.44 13.70
C LEU B 20 42.83 -9.19 12.87
N SER B 21 43.18 -9.24 11.60
CA SER B 21 42.97 -8.14 10.67
C SER B 21 42.00 -8.58 9.59
N CYS B 22 41.20 -7.64 9.11
CA CYS B 22 40.21 -7.90 8.06
C CYS B 22 40.28 -6.78 7.04
N ALA B 23 40.92 -7.03 5.91
CA ALA B 23 41.05 -6.03 4.86
C ALA B 23 39.77 -6.03 4.03
N ALA B 24 39.08 -4.89 3.99
CA ALA B 24 37.80 -4.75 3.33
C ALA B 24 37.97 -3.96 2.03
N SER B 25 37.40 -4.47 0.96
CA SER B 25 37.48 -3.84 -0.35
C SER B 25 36.12 -3.88 -1.02
N GLY B 26 35.93 -2.98 -1.98
CA GLY B 26 34.73 -2.95 -2.78
C GLY B 26 33.62 -2.07 -2.27
N PHE B 27 33.78 -1.44 -1.10
CA PHE B 27 32.76 -0.57 -0.57
C PHE B 27 33.42 0.53 0.26
N THR B 28 32.62 1.56 0.55
CA THR B 28 33.09 2.67 1.40
C THR B 28 33.06 2.16 2.84
N PHE B 29 34.23 2.04 3.47
CA PHE B 29 34.32 1.46 4.80
C PHE B 29 33.68 2.35 5.86
N SER B 30 33.84 3.67 5.74
CA SER B 30 33.53 4.58 6.82
C SER B 30 32.04 4.68 7.13
N ASN B 31 31.19 4.11 6.28
CA ASN B 31 29.71 4.26 6.45
C ASN B 31 29.06 2.92 6.77
N TYR B 32 29.85 1.94 7.24
CA TYR B 32 29.31 0.63 7.59
C TYR B 32 29.76 0.23 8.97
N LYS B 33 28.80 -0.26 9.76
CA LYS B 33 29.14 -0.84 11.08
C LYS B 33 29.80 -2.18 10.78
N MET B 34 30.85 -2.53 11.51
CA MET B 34 31.62 -3.73 11.23
C MET B 34 31.55 -4.67 12.42
N ASN B 35 31.48 -5.96 12.14
CA ASN B 35 31.26 -6.97 13.17
C ASN B 35 32.32 -8.06 13.08
N TRP B 36 32.52 -8.75 14.20
CA TRP B 36 33.34 -9.94 14.27
C TRP B 36 32.48 -11.09 14.76
N VAL B 37 32.47 -12.19 14.01
CA VAL B 37 31.70 -13.37 14.36
C VAL B 37 32.60 -14.58 14.25
N ARG B 38 32.23 -15.65 14.98
CA ARG B 38 33.02 -16.86 14.98
C ARG B 38 32.09 -18.06 14.93
N GLN B 39 32.68 -19.22 14.61
CA GLN B 39 31.95 -20.48 14.57
C GLN B 39 32.84 -21.56 15.18
N ALA B 40 32.66 -21.81 16.47
CA ALA B 40 33.39 -22.89 17.11
C ALA B 40 32.95 -24.23 16.53
N PRO B 41 33.87 -25.18 16.38
CA PRO B 41 33.50 -26.46 15.76
C PRO B 41 32.40 -27.16 16.54
N GLY B 42 31.48 -27.77 15.82
CA GLY B 42 30.32 -28.42 16.42
C GLY B 42 29.22 -27.49 16.84
N LYS B 43 29.34 -26.19 16.57
CA LYS B 43 28.35 -25.19 16.96
C LYS B 43 28.02 -24.33 15.76
N GLY B 44 27.08 -23.40 15.96
CA GLY B 44 26.67 -22.48 14.92
C GLY B 44 27.36 -21.13 15.02
N LEU B 45 26.98 -20.24 14.12
CA LEU B 45 27.54 -18.90 14.10
C LEU B 45 27.14 -18.12 15.34
N GLU B 46 28.04 -17.24 15.80
CA GLU B 46 27.77 -16.42 16.96
C GLU B 46 28.47 -15.09 16.83
N TRP B 47 27.83 -14.04 17.33
CA TRP B 47 28.37 -12.70 17.31
C TRP B 47 29.41 -12.54 18.42
N VAL B 48 30.44 -11.74 18.15
CA VAL B 48 31.52 -11.49 19.11
C VAL B 48 31.63 -10.02 19.46
N SER B 49 31.74 -9.16 18.46
CA SER B 49 31.90 -7.74 18.72
C SER B 49 31.45 -6.93 17.52
N ASP B 50 31.20 -5.65 17.75
CA ASP B 50 30.83 -4.73 16.70
C ASP B 50 31.40 -3.35 17.02
N ILE B 51 31.60 -2.55 15.98
CA ILE B 51 32.12 -1.20 16.13
C ILE B 51 31.37 -0.30 15.15
N SER B 52 30.99 0.87 15.66
CA SER B 52 30.19 1.83 14.87
C SER B 52 30.99 2.36 13.68
N GLN B 53 30.35 3.19 12.86
CA GLN B 53 30.99 3.74 11.66
C GLN B 53 32.26 4.51 12.02
N SER B 54 32.17 5.37 13.04
CA SER B 54 33.33 6.15 13.46
C SER B 54 34.16 5.45 14.51
N GLY B 55 33.52 4.63 15.36
CA GLY B 55 34.22 3.94 16.42
C GLY B 55 33.84 4.37 17.82
N ALA B 56 32.85 5.25 17.97
CA ALA B 56 32.47 5.70 19.31
C ALA B 56 31.79 4.60 20.09
N SER B 57 30.94 3.82 19.44
CA SER B 57 30.17 2.77 20.08
C SER B 57 30.82 1.42 19.79
N ILE B 58 31.17 0.68 20.84
CA ILE B 58 31.81 -0.62 20.71
C ILE B 58 31.19 -1.56 21.73
N SER B 59 30.86 -2.78 21.31
CA SER B 59 30.25 -3.77 22.18
C SER B 59 30.90 -5.13 21.95
N TYR B 60 30.80 -5.96 22.98
CA TYR B 60 31.38 -7.30 22.90
C TYR B 60 30.48 -8.25 23.66
N THR B 61 30.62 -9.54 23.41
CA THR B 61 29.91 -10.53 24.18
C THR B 61 30.50 -10.64 25.58
N GLY B 62 29.72 -11.20 26.49
CA GLY B 62 30.21 -11.41 27.84
C GLY B 62 31.39 -12.34 27.91
N SER B 63 31.42 -13.36 27.04
CA SER B 63 32.52 -14.33 27.06
C SER B 63 33.84 -13.66 26.72
N VAL B 64 33.83 -12.75 25.74
CA VAL B 64 35.05 -12.11 25.26
C VAL B 64 35.22 -10.71 25.84
N LYS B 65 34.40 -10.32 26.80
CA LYS B 65 34.49 -8.98 27.37
C LYS B 65 35.74 -8.85 28.22
N GLY B 66 36.48 -7.76 28.00
CA GLY B 66 37.66 -7.46 28.78
C GLY B 66 38.95 -8.06 28.24
N ARG B 67 38.86 -9.04 27.35
CA ARG B 67 40.05 -9.65 26.76
C ARG B 67 40.17 -9.40 25.26
N PHE B 68 39.05 -9.22 24.57
CA PHE B 68 39.04 -8.90 23.15
C PHE B 68 38.80 -7.40 22.99
N THR B 69 39.56 -6.76 22.11
CA THR B 69 39.34 -5.36 21.79
C THR B 69 39.31 -5.19 20.28
N ILE B 70 38.23 -4.59 19.80
CA ILE B 70 38.04 -4.40 18.33
C ILE B 70 38.30 -2.93 17.97
N SER B 71 39.11 -2.70 16.94
CA SER B 71 39.41 -1.36 16.46
C SER B 71 39.33 -1.35 14.95
N ARG B 72 38.78 -0.27 14.41
CA ARG B 72 38.70 -0.08 12.96
C ARG B 72 39.55 1.12 12.57
N ASP B 73 40.08 1.08 11.35
CA ASP B 73 40.87 2.17 10.80
C ASP B 73 40.31 2.46 9.42
N ASN B 74 39.50 3.52 9.32
CA ASN B 74 38.83 3.85 8.06
C ASN B 74 39.81 4.31 6.99
N ALA B 75 41.02 4.75 7.38
CA ALA B 75 41.98 5.23 6.40
C ALA B 75 42.45 4.11 5.48
N LYS B 76 42.84 2.98 6.06
CA LYS B 76 43.29 1.83 5.27
C LYS B 76 42.16 0.85 4.95
N ASN B 77 40.94 1.15 5.40
CA ASN B 77 39.77 0.32 5.13
C ASN B 77 39.99 -1.11 5.65
N THR B 78 40.17 -1.21 6.97
CA THR B 78 40.46 -2.49 7.59
C THR B 78 39.87 -2.53 8.99
N LEU B 79 39.68 -3.75 9.49
CA LEU B 79 39.11 -3.99 10.81
C LEU B 79 40.05 -4.87 11.60
N TYR B 80 40.24 -4.53 12.88
CA TYR B 80 41.16 -5.24 13.75
C TYR B 80 40.40 -5.87 14.92
N LEU B 81 40.95 -6.96 15.44
CA LEU B 81 40.45 -7.59 16.66
C LEU B 81 41.66 -8.13 17.43
N GLN B 82 42.09 -7.37 18.43
CA GLN B 82 43.20 -7.78 19.28
C GLN B 82 42.67 -8.67 20.38
N MET B 83 43.19 -9.90 20.46
CA MET B 83 42.73 -10.90 21.41
C MET B 83 43.81 -11.17 22.43
N ASN B 84 43.45 -11.14 23.72
CA ASN B 84 44.38 -11.38 24.81
C ASN B 84 43.85 -12.48 25.71
N SER B 85 44.78 -13.22 26.31
CA SER B 85 44.45 -14.30 27.23
C SER B 85 43.48 -15.29 26.58
N LEU B 86 43.94 -15.90 25.49
CA LEU B 86 43.12 -16.86 24.78
C LEU B 86 42.84 -18.07 25.66
N LYS B 87 41.65 -18.65 25.48
CA LYS B 87 41.23 -19.80 26.24
C LYS B 87 40.82 -20.94 25.32
N PRO B 88 40.87 -22.19 25.79
CA PRO B 88 40.51 -23.31 24.91
C PRO B 88 39.08 -23.25 24.40
N GLU B 89 38.20 -22.49 25.06
CA GLU B 89 36.85 -22.31 24.54
C GLU B 89 36.81 -21.35 23.36
N ASP B 90 37.91 -20.67 23.05
CA ASP B 90 37.94 -19.68 21.98
C ASP B 90 38.36 -20.24 20.64
N THR B 91 38.68 -21.53 20.55
CA THR B 91 39.06 -22.11 19.27
C THR B 91 37.86 -22.07 18.32
N ALA B 92 38.00 -21.28 17.27
CA ALA B 92 36.93 -21.12 16.29
C ALA B 92 37.53 -20.50 15.04
N VAL B 93 36.80 -20.62 13.95
CA VAL B 93 37.10 -19.87 12.74
C VAL B 93 36.38 -18.53 12.82
N TYR B 94 37.11 -17.45 12.57
CA TYR B 94 36.62 -16.10 12.81
C TYR B 94 36.30 -15.45 11.49
N TYR B 95 35.04 -15.03 11.34
CA TYR B 95 34.62 -14.30 10.15
C TYR B 95 34.52 -12.82 10.47
N CYS B 96 34.75 -12.01 9.45
CA CYS B 96 34.63 -10.56 9.54
C CYS B 96 33.36 -10.15 8.81
N ALA B 97 32.43 -9.55 9.54
CA ALA B 97 31.08 -9.31 9.03
C ALA B 97 30.77 -7.83 8.98
N ARG B 98 29.90 -7.47 8.05
CA ARG B 98 29.54 -6.08 7.80
C ARG B 98 28.03 -5.92 7.89
N CYS B 99 27.59 -4.73 8.32
CA CYS B 99 26.16 -4.44 8.30
C CYS B 99 25.66 -4.48 6.87
N PRO B 100 24.44 -4.97 6.63
CA PRO B 100 23.94 -5.04 5.25
C PRO B 100 23.77 -3.68 4.60
N ALA B 101 23.45 -2.64 5.35
CA ALA B 101 23.15 -1.33 4.80
C ALA B 101 24.02 -0.27 5.45
N PRO B 102 24.28 0.83 4.75
CA PRO B 102 25.08 1.91 5.33
C PRO B 102 24.23 2.87 6.14
N PHE B 103 24.92 3.69 6.94
CA PHE B 103 24.29 4.72 7.77
C PHE B 103 23.20 4.13 8.65
N THR B 104 23.45 2.94 9.18
CA THR B 104 22.46 2.25 10.00
C THR B 104 23.11 1.72 11.26
N ARG B 105 22.28 1.54 12.29
CA ARG B 105 22.73 1.02 13.58
C ARG B 105 22.12 -0.34 13.88
N ASP B 106 21.76 -1.11 12.86
CA ASP B 106 21.09 -2.40 13.02
C ASP B 106 21.71 -3.40 12.04
N CYS B 107 22.73 -4.11 12.50
CA CYS B 107 23.30 -5.21 11.71
C CYS B 107 22.36 -6.39 11.74
N PHE B 108 21.50 -6.48 10.71
CA PHE B 108 20.50 -7.58 10.66
C PHE B 108 21.05 -8.79 9.88
N ASP B 109 20.76 -10.01 10.34
CA ASP B 109 21.17 -11.24 9.63
C ASP B 109 22.69 -11.28 9.42
N VAL B 110 23.48 -10.82 10.38
CA VAL B 110 24.93 -10.92 10.25
C VAL B 110 25.40 -12.35 10.53
N THR B 111 24.85 -12.98 11.57
CA THR B 111 25.25 -14.32 11.96
C THR B 111 24.46 -15.40 11.23
N SER B 112 23.87 -15.08 10.09
CA SER B 112 23.11 -16.07 9.34
C SER B 112 24.04 -17.12 8.76
N THR B 113 23.45 -18.25 8.36
CA THR B 113 24.25 -19.35 7.84
C THR B 113 24.98 -18.96 6.57
N THR B 114 24.28 -18.29 5.64
CA THR B 114 24.86 -17.89 4.36
C THR B 114 24.67 -16.39 4.19
N TYR B 115 25.59 -15.61 4.73
CA TYR B 115 25.55 -14.15 4.65
C TYR B 115 26.52 -13.70 3.56
N ALA B 116 26.03 -12.79 2.70
CA ALA B 116 26.82 -12.40 1.54
C ALA B 116 28.04 -11.58 1.93
N TYR B 117 27.88 -10.64 2.85
CA TYR B 117 28.96 -9.74 3.22
C TYR B 117 29.68 -10.27 4.46
N ARG B 118 30.41 -11.36 4.25
CA ARG B 118 31.17 -12.00 5.32
C ARG B 118 32.38 -12.69 4.71
N GLY B 119 33.49 -12.64 5.44
CA GLY B 119 34.74 -13.20 4.95
C GLY B 119 34.78 -14.71 4.99
N GLN B 120 35.86 -15.26 4.42
CA GLN B 120 36.01 -16.72 4.38
C GLN B 120 36.27 -17.28 5.78
N GLY B 121 37.18 -16.67 6.53
CA GLY B 121 37.50 -17.12 7.86
C GLY B 121 38.97 -17.36 8.11
N THR B 122 39.40 -17.19 9.36
CA THR B 122 40.72 -17.58 9.82
C THR B 122 40.55 -18.61 10.93
N GLN B 123 41.26 -19.72 10.80
CA GLN B 123 41.16 -20.80 11.78
C GLN B 123 42.02 -20.43 12.98
N VAL B 124 41.41 -19.83 14.00
CA VAL B 124 42.09 -19.48 15.23
C VAL B 124 41.87 -20.63 16.20
N THR B 125 42.92 -21.42 16.44
CA THR B 125 42.85 -22.57 17.35
C THR B 125 43.88 -22.38 18.46
N VAL B 126 43.42 -22.46 19.69
CA VAL B 126 44.27 -22.30 20.87
C VAL B 126 44.25 -23.60 21.66
N SER B 127 45.42 -24.18 21.86
CA SER B 127 45.53 -25.44 22.60
C SER B 127 46.96 -25.57 23.13
N SER B 128 47.12 -26.46 24.10
CA SER B 128 48.42 -26.71 24.70
C SER B 128 48.95 -28.08 24.32
N VAL C 1 -23.41 -21.29 -16.68
CA VAL C 1 -24.39 -20.20 -16.66
C VAL C 1 -25.71 -20.69 -17.22
N GLN C 2 -26.80 -20.33 -16.53
CA GLN C 2 -28.13 -20.77 -16.95
C GLN C 2 -29.15 -19.79 -16.38
N LEU C 3 -29.96 -19.19 -17.25
CA LEU C 3 -31.02 -18.26 -16.84
C LEU C 3 -32.37 -18.89 -17.14
N VAL C 4 -33.23 -18.95 -16.13
CA VAL C 4 -34.53 -19.62 -16.22
C VAL C 4 -35.61 -18.57 -16.07
N GLU C 5 -36.50 -18.48 -17.06
CA GLU C 5 -37.64 -17.58 -17.03
C GLU C 5 -38.92 -18.37 -16.86
N SER C 6 -39.88 -17.80 -16.13
CA SER C 6 -41.15 -18.45 -15.89
C SER C 6 -42.22 -17.41 -15.64
N GLY C 7 -43.47 -17.80 -15.85
CA GLY C 7 -44.62 -16.94 -15.63
C GLY C 7 -45.39 -16.58 -16.88
N GLY C 8 -44.85 -16.81 -18.07
CA GLY C 8 -45.57 -16.48 -19.28
C GLY C 8 -46.73 -17.43 -19.53
N GLY C 9 -47.81 -16.90 -20.07
CA GLY C 9 -48.99 -17.71 -20.32
C GLY C 9 -50.17 -16.84 -20.74
N LEU C 10 -51.35 -17.45 -20.68
CA LEU C 10 -52.58 -16.78 -21.10
C LEU C 10 -53.02 -15.80 -20.03
N VAL C 11 -53.01 -14.50 -20.38
CA VAL C 11 -53.45 -13.45 -19.47
C VAL C 11 -54.47 -12.59 -20.21
N GLN C 12 -55.53 -12.19 -19.50
CA GLN C 12 -56.51 -11.31 -20.07
C GLN C 12 -55.95 -9.91 -20.23
N PRO C 13 -56.49 -9.12 -21.15
CA PRO C 13 -56.01 -7.74 -21.33
C PRO C 13 -55.99 -6.93 -20.05
N GLY C 14 -56.95 -7.17 -19.14
CA GLY C 14 -56.95 -6.51 -17.86
C GLY C 14 -56.52 -7.43 -16.75
N GLY C 15 -55.31 -7.22 -16.21
CA GLY C 15 -54.80 -8.08 -15.16
C GLY C 15 -53.35 -7.78 -14.89
N SER C 16 -52.66 -8.77 -14.32
CA SER C 16 -51.26 -8.61 -13.95
C SER C 16 -50.56 -9.96 -14.05
N ARG C 17 -49.24 -9.90 -14.17
CA ARG C 17 -48.42 -11.10 -14.23
C ARG C 17 -47.01 -10.75 -13.79
N LYS C 18 -46.43 -11.59 -12.94
CA LYS C 18 -45.07 -11.39 -12.43
C LYS C 18 -44.12 -12.33 -13.16
N LEU C 19 -43.08 -11.76 -13.74
CA LEU C 19 -42.08 -12.53 -14.49
C LEU C 19 -40.85 -12.75 -13.62
N SER C 20 -40.39 -14.00 -13.55
CA SER C 20 -39.25 -14.38 -12.73
C SER C 20 -38.10 -14.84 -13.61
N CYS C 21 -36.88 -14.57 -13.15
CA CYS C 21 -35.67 -14.96 -13.88
C CYS C 21 -34.67 -15.51 -12.87
N SER C 22 -34.60 -16.84 -12.77
CA SER C 22 -33.68 -17.49 -11.85
C SER C 22 -32.27 -17.50 -12.42
N ALA C 23 -31.30 -17.28 -11.55
CA ALA C 23 -29.90 -17.21 -11.94
C ALA C 23 -29.15 -18.43 -11.41
N SER C 24 -28.20 -18.93 -12.20
CA SER C 24 -27.42 -20.09 -11.80
C SER C 24 -26.14 -20.13 -12.60
N GLY C 25 -25.00 -20.17 -11.91
CA GLY C 25 -23.72 -20.30 -12.56
C GLY C 25 -22.91 -19.03 -12.70
N PHE C 26 -23.35 -17.92 -12.12
CA PHE C 26 -22.61 -16.67 -12.21
C PHE C 26 -22.96 -15.78 -11.04
N ALA C 27 -22.12 -14.77 -10.83
CA ALA C 27 -22.29 -13.82 -9.72
C ALA C 27 -23.41 -12.87 -10.08
N PHE C 28 -24.65 -13.29 -9.79
CA PHE C 28 -25.82 -12.51 -10.18
C PHE C 28 -25.81 -11.13 -9.57
N SER C 29 -25.19 -10.96 -8.40
CA SER C 29 -25.21 -9.67 -7.72
C SER C 29 -24.34 -8.63 -8.41
N SER C 30 -23.34 -9.05 -9.18
CA SER C 30 -22.43 -8.12 -9.84
C SER C 30 -22.77 -7.87 -11.29
N PHE C 31 -23.91 -8.39 -11.77
CA PHE C 31 -24.32 -8.24 -13.15
C PHE C 31 -25.54 -7.32 -13.23
N GLY C 32 -25.58 -6.48 -14.27
CA GLY C 32 -26.77 -5.71 -14.57
C GLY C 32 -27.66 -6.51 -15.49
N MET C 33 -28.93 -6.59 -15.14
CA MET C 33 -29.88 -7.46 -15.83
C MET C 33 -30.86 -6.65 -16.66
N HIS C 34 -31.22 -7.18 -17.82
CA HIS C 34 -32.15 -6.53 -18.73
C HIS C 34 -33.32 -7.47 -19.00
N TRP C 35 -34.42 -6.89 -19.47
CA TRP C 35 -35.56 -7.64 -19.99
C TRP C 35 -35.80 -7.21 -21.42
N VAL C 36 -35.69 -8.15 -22.35
CA VAL C 36 -35.85 -7.86 -23.77
C VAL C 36 -36.91 -8.79 -24.33
N ARG C 37 -37.96 -8.21 -24.90
CA ARG C 37 -39.08 -8.97 -25.43
C ARG C 37 -38.94 -9.14 -26.94
N GLN C 38 -39.76 -10.04 -27.48
CA GLN C 38 -39.75 -10.29 -28.92
C GLN C 38 -41.09 -10.91 -29.30
N ALA C 39 -41.88 -10.20 -30.09
CA ALA C 39 -43.16 -10.70 -30.55
C ALA C 39 -42.95 -11.79 -31.60
N PRO C 40 -43.95 -12.64 -31.82
CA PRO C 40 -43.79 -13.71 -32.82
C PRO C 40 -43.49 -13.20 -34.23
N GLU C 41 -44.01 -12.03 -34.60
CA GLU C 41 -43.76 -11.44 -35.91
C GLU C 41 -42.90 -10.19 -35.84
N LYS C 42 -42.18 -10.00 -34.73
CA LYS C 42 -41.40 -8.79 -34.53
C LYS C 42 -40.05 -9.17 -33.93
N GLY C 43 -39.05 -8.33 -34.18
CA GLY C 43 -37.73 -8.53 -33.63
C GLY C 43 -37.68 -8.18 -32.15
N LEU C 44 -36.47 -8.21 -31.61
CA LEU C 44 -36.28 -7.93 -30.20
C LEU C 44 -36.58 -6.47 -29.89
N GLU C 45 -37.03 -6.23 -28.66
CA GLU C 45 -37.32 -4.88 -28.20
C GLU C 45 -36.99 -4.79 -26.72
N TRP C 46 -36.12 -3.85 -26.36
CA TRP C 46 -35.68 -3.71 -24.98
C TRP C 46 -36.79 -3.08 -24.15
N VAL C 47 -37.08 -3.68 -22.99
CA VAL C 47 -38.22 -3.25 -22.20
C VAL C 47 -37.82 -2.61 -20.87
N ALA C 48 -36.73 -3.06 -20.24
CA ALA C 48 -36.37 -2.56 -18.91
C ALA C 48 -34.96 -2.98 -18.58
N TYR C 49 -34.42 -2.37 -17.53
CA TYR C 49 -33.05 -2.64 -17.11
C TYR C 49 -32.90 -2.28 -15.65
N ILE C 50 -32.35 -3.19 -14.85
CA ILE C 50 -32.00 -2.95 -13.46
C ILE C 50 -30.51 -3.21 -13.30
N SER C 51 -29.79 -2.25 -12.74
CA SER C 51 -28.35 -2.33 -12.66
C SER C 51 -27.92 -3.24 -11.51
N SER C 52 -26.61 -3.38 -11.36
CA SER C 52 -26.06 -4.18 -10.26
C SER C 52 -26.30 -3.46 -8.94
N GLY C 53 -26.87 -4.19 -7.98
CA GLY C 53 -27.25 -3.57 -6.72
C GLY C 53 -28.51 -2.74 -6.79
N SER C 54 -29.23 -2.79 -7.91
CA SER C 54 -30.48 -2.04 -8.10
C SER C 54 -30.27 -0.54 -7.94
N GLY C 55 -29.06 -0.06 -8.20
CA GLY C 55 -28.77 1.35 -8.03
C GLY C 55 -29.27 2.24 -9.14
N THR C 56 -29.71 1.66 -10.26
CA THR C 56 -30.19 2.44 -11.39
C THR C 56 -31.17 1.58 -12.17
N ILE C 57 -32.33 2.13 -12.49
CA ILE C 57 -33.39 1.41 -13.18
C ILE C 57 -33.84 2.26 -14.38
N TYR C 58 -33.96 1.63 -15.54
CA TYR C 58 -34.45 2.29 -16.74
C TYR C 58 -35.57 1.44 -17.35
N TYR C 59 -36.49 2.13 -18.03
CA TYR C 59 -37.62 1.48 -18.67
C TYR C 59 -37.79 2.01 -20.09
N ALA C 60 -38.39 1.19 -20.94
CA ALA C 60 -38.75 1.63 -22.28
C ALA C 60 -39.95 2.56 -22.21
N ASP C 61 -40.01 3.51 -23.15
CA ASP C 61 -41.10 4.48 -23.15
C ASP C 61 -42.45 3.80 -23.39
N THR C 62 -42.44 2.66 -24.09
CA THR C 62 -43.70 1.95 -24.42
C THR C 62 -44.35 1.37 -23.16
N VAL C 63 -43.55 1.05 -22.14
CA VAL C 63 -44.06 0.42 -20.94
C VAL C 63 -43.56 1.16 -19.70
N LYS C 64 -43.17 2.41 -19.87
CA LYS C 64 -42.75 3.21 -18.73
C LYS C 64 -43.91 3.41 -17.77
N GLY C 65 -43.65 3.20 -16.48
CA GLY C 65 -44.67 3.35 -15.47
C GLY C 65 -45.59 2.14 -15.36
N ARG C 66 -45.96 1.57 -16.51
CA ARG C 66 -46.84 0.41 -16.52
C ARG C 66 -46.16 -0.80 -15.89
N PHE C 67 -44.87 -0.99 -16.15
CA PHE C 67 -44.12 -2.13 -15.67
C PHE C 67 -43.25 -1.75 -14.48
N THR C 68 -42.87 -2.75 -13.69
CA THR C 68 -41.90 -2.58 -12.62
C THR C 68 -40.87 -3.70 -12.71
N ILE C 69 -39.64 -3.37 -12.33
CA ILE C 69 -38.54 -4.33 -12.35
C ILE C 69 -37.87 -4.33 -10.99
N SER C 70 -37.26 -5.47 -10.64
CA SER C 70 -36.57 -5.63 -9.37
C SER C 70 -35.79 -6.93 -9.42
N ARG C 71 -34.92 -7.10 -8.42
CA ARG C 71 -34.07 -8.28 -8.33
C ARG C 71 -33.94 -8.69 -6.87
N ASP C 72 -33.57 -9.96 -6.66
CA ASP C 72 -33.30 -10.50 -5.34
C ASP C 72 -31.94 -11.20 -5.40
N ASP C 73 -30.88 -10.44 -5.16
CA ASP C 73 -29.53 -11.02 -5.25
C ASP C 73 -29.31 -12.16 -4.25
N PRO C 74 -29.71 -12.07 -2.97
CA PRO C 74 -29.56 -13.24 -2.10
C PRO C 74 -30.23 -14.49 -2.65
N LYS C 75 -31.39 -14.34 -3.27
CA LYS C 75 -32.07 -15.48 -3.89
C LYS C 75 -31.66 -15.69 -5.34
N ASN C 76 -30.87 -14.79 -5.91
CA ASN C 76 -30.43 -14.88 -7.31
C ASN C 76 -31.62 -14.98 -8.25
N THR C 77 -32.56 -14.07 -8.10
CA THR C 77 -33.77 -14.03 -8.91
C THR C 77 -34.02 -12.62 -9.41
N LEU C 78 -34.53 -12.52 -10.62
CA LEU C 78 -34.87 -11.24 -11.24
C LEU C 78 -36.38 -11.19 -11.47
N PHE C 79 -36.99 -10.09 -11.06
CA PHE C 79 -38.45 -9.96 -11.07
C PHE C 79 -38.87 -8.80 -11.96
N LEU C 80 -39.92 -9.02 -12.74
CA LEU C 80 -40.55 -7.98 -13.55
C LEU C 80 -42.05 -8.04 -13.29
N GLN C 81 -42.57 -7.06 -12.55
CA GLN C 81 -43.99 -6.99 -12.23
C GLN C 81 -44.70 -6.18 -13.31
N MET C 82 -45.63 -6.83 -14.01
CA MET C 82 -46.37 -6.20 -15.11
C MET C 82 -47.83 -6.06 -14.71
N THR C 83 -48.36 -4.86 -14.83
CA THR C 83 -49.74 -4.56 -14.49
C THR C 83 -50.44 -3.92 -15.69
N SER C 84 -51.72 -4.26 -15.86
CA SER C 84 -52.57 -3.68 -16.90
C SER C 84 -51.97 -3.92 -18.30
N LEU C 85 -51.93 -5.19 -18.66
CA LEU C 85 -51.32 -5.60 -19.91
C LEU C 85 -52.09 -5.04 -21.11
N ARG C 86 -51.50 -5.22 -22.29
CA ARG C 86 -52.11 -4.78 -23.54
C ARG C 86 -51.97 -5.89 -24.58
N SER C 87 -52.83 -5.82 -25.60
CA SER C 87 -52.79 -6.82 -26.66
C SER C 87 -51.49 -6.78 -27.45
N GLU C 88 -50.73 -5.69 -27.36
CA GLU C 88 -49.44 -5.59 -28.02
C GLU C 88 -48.32 -6.24 -27.23
N ASP C 89 -48.59 -6.70 -26.01
CA ASP C 89 -47.56 -7.25 -25.13
C ASP C 89 -47.29 -8.73 -25.40
N THR C 90 -48.02 -9.33 -26.33
CA THR C 90 -47.79 -10.76 -26.69
C THR C 90 -46.36 -10.90 -27.22
N ALA C 91 -45.45 -11.46 -26.42
CA ALA C 91 -44.06 -11.59 -26.83
C ALA C 91 -43.34 -12.53 -25.88
N MET C 92 -42.20 -13.03 -26.34
CA MET C 92 -41.32 -13.86 -25.52
C MET C 92 -40.31 -12.95 -24.83
N TYR C 93 -40.31 -12.95 -23.51
CA TYR C 93 -39.45 -12.07 -22.74
C TYR C 93 -38.15 -12.77 -22.41
N TYR C 94 -37.03 -12.11 -22.66
CA TYR C 94 -35.70 -12.67 -22.47
C TYR C 94 -35.03 -12.01 -21.28
N CYS C 95 -34.44 -12.83 -20.42
CA CYS C 95 -33.60 -12.33 -19.33
C CYS C 95 -32.16 -12.30 -19.82
N VAL C 96 -31.57 -11.10 -19.82
CA VAL C 96 -30.24 -10.89 -20.37
C VAL C 96 -29.34 -10.35 -19.28
N ARG C 97 -28.13 -10.91 -19.24
CA ARG C 97 -27.10 -10.51 -18.27
C ARG C 97 -26.13 -9.56 -18.96
N SER C 98 -25.61 -8.57 -18.25
CA SER C 98 -24.62 -7.67 -18.82
C SER C 98 -23.85 -7.00 -17.70
N ILE C 99 -22.53 -7.10 -17.74
CA ILE C 99 -21.65 -6.53 -16.73
C ILE C 99 -20.82 -5.43 -17.40
N TYR C 100 -20.72 -4.28 -16.72
CA TYR C 100 -20.15 -3.09 -17.31
C TYR C 100 -18.86 -2.72 -16.59
N TYR C 101 -17.73 -2.92 -17.27
CA TYR C 101 -16.45 -2.36 -16.87
C TYR C 101 -15.61 -2.25 -18.12
N TYR C 102 -14.46 -1.59 -18.00
CA TYR C 102 -13.62 -1.38 -19.17
C TYR C 102 -13.20 -2.72 -19.75
N GLY C 103 -13.60 -2.97 -21.00
CA GLY C 103 -13.27 -4.20 -21.67
C GLY C 103 -14.23 -5.35 -21.43
N SER C 104 -15.33 -5.12 -20.73
CA SER C 104 -16.31 -6.15 -20.50
C SER C 104 -17.15 -6.39 -21.75
N SER C 105 -17.95 -7.46 -21.71
CA SER C 105 -18.81 -7.84 -22.84
C SER C 105 -20.25 -7.88 -22.35
N PRO C 106 -20.97 -6.77 -22.42
CA PRO C 106 -22.39 -6.78 -22.03
C PRO C 106 -23.24 -7.57 -23.00
N PHE C 107 -24.39 -8.02 -22.49
CA PHE C 107 -25.37 -8.78 -23.27
C PHE C 107 -24.80 -10.12 -23.73
N ASP C 108 -23.87 -10.68 -22.96
CA ASP C 108 -23.19 -11.91 -23.38
C ASP C 108 -24.12 -13.11 -23.34
N PHE C 109 -24.97 -13.20 -22.31
CA PHE C 109 -25.83 -14.37 -22.13
C PHE C 109 -27.29 -13.93 -22.12
N TRP C 110 -28.12 -14.67 -22.85
CA TRP C 110 -29.56 -14.45 -22.92
C TRP C 110 -30.27 -15.70 -22.43
N GLY C 111 -31.25 -15.51 -21.56
CA GLY C 111 -32.01 -16.64 -21.06
C GLY C 111 -32.88 -17.26 -22.13
N GLN C 112 -33.32 -18.49 -21.85
CA GLN C 112 -34.14 -19.21 -22.84
C GLN C 112 -35.46 -18.51 -23.09
N GLY C 113 -35.97 -17.77 -22.12
CA GLY C 113 -37.16 -16.96 -22.34
C GLY C 113 -38.44 -17.70 -22.01
N THR C 114 -39.45 -16.92 -21.63
CA THR C 114 -40.80 -17.43 -21.38
C THR C 114 -41.78 -16.71 -22.29
N THR C 115 -42.70 -17.46 -22.88
CA THR C 115 -43.64 -16.90 -23.83
C THR C 115 -44.89 -16.42 -23.10
N LEU C 116 -45.21 -15.14 -23.30
CA LEU C 116 -46.40 -14.53 -22.66
C LEU C 116 -47.32 -13.96 -23.74
N THR C 117 -48.59 -14.39 -23.76
CA THR C 117 -49.57 -13.95 -24.73
C THR C 117 -50.71 -13.26 -24.01
N VAL C 118 -51.19 -12.17 -24.59
CA VAL C 118 -52.30 -11.39 -24.03
C VAL C 118 -53.48 -11.50 -24.98
N SER C 119 -54.63 -11.89 -24.46
CA SER C 119 -55.83 -12.04 -25.27
C SER C 119 -56.40 -10.68 -25.67
N ALA C 135 -36.52 11.17 -29.34
CA ALA C 135 -35.39 10.91 -28.46
C ALA C 135 -34.97 9.44 -28.54
N ASP C 136 -35.20 8.81 -29.68
CA ASP C 136 -34.89 7.41 -29.88
C ASP C 136 -34.03 7.26 -31.13
N ILE C 137 -33.05 6.36 -31.04
CA ILE C 137 -32.18 6.05 -32.18
C ILE C 137 -32.82 4.94 -32.98
N VAL C 138 -33.00 5.16 -34.28
CA VAL C 138 -33.62 4.18 -35.15
C VAL C 138 -32.52 3.44 -35.91
N MET C 139 -32.61 2.11 -35.94
CA MET C 139 -31.68 1.27 -36.65
C MET C 139 -32.41 0.57 -37.78
N THR C 140 -31.92 0.74 -39.00
CA THR C 140 -32.54 0.16 -40.18
C THR C 140 -31.61 -0.90 -40.77
N GLN C 141 -32.13 -2.12 -40.93
CA GLN C 141 -31.39 -3.21 -41.53
C GLN C 141 -31.95 -3.46 -42.93
N ALA C 142 -31.17 -3.10 -43.95
CA ALA C 142 -31.59 -3.35 -45.32
C ALA C 142 -31.51 -4.84 -45.63
N THR C 143 -32.19 -5.23 -46.72
CA THR C 143 -32.25 -6.62 -47.17
C THR C 143 -32.69 -7.55 -46.05
N SER C 144 -33.93 -7.33 -45.62
CA SER C 144 -34.49 -8.05 -44.48
C SER C 144 -34.68 -9.54 -44.75
N SER C 145 -34.55 -9.98 -46.00
CA SER C 145 -34.64 -11.40 -46.31
C SER C 145 -33.83 -11.67 -47.56
N VAL C 146 -32.72 -12.38 -47.40
CA VAL C 146 -31.87 -12.74 -48.56
C VAL C 146 -31.47 -14.19 -48.45
N PRO C 147 -31.33 -14.85 -49.61
CA PRO C 147 -30.80 -16.22 -49.63
C PRO C 147 -29.30 -16.24 -49.83
N VAL C 148 -28.63 -17.15 -49.12
CA VAL C 148 -27.20 -17.29 -49.19
C VAL C 148 -26.86 -18.76 -49.39
N THR C 149 -25.59 -19.02 -49.73
CA THR C 149 -25.09 -20.35 -50.00
C THR C 149 -23.94 -20.66 -49.04
N PRO C 150 -23.93 -21.82 -48.39
CA PRO C 150 -22.81 -22.15 -47.50
C PRO C 150 -21.50 -22.21 -48.25
N GLY C 151 -20.42 -21.82 -47.57
CA GLY C 151 -19.11 -21.77 -48.16
C GLY C 151 -18.77 -20.48 -48.87
N GLU C 152 -19.69 -19.51 -48.90
CA GLU C 152 -19.46 -18.23 -49.53
C GLU C 152 -19.59 -17.12 -48.50
N SER C 153 -18.69 -16.13 -48.58
CA SER C 153 -18.71 -15.03 -47.64
C SER C 153 -19.93 -14.14 -47.89
N VAL C 154 -20.41 -13.51 -46.81
CA VAL C 154 -21.57 -12.63 -46.87
C VAL C 154 -21.27 -11.36 -46.08
N SER C 155 -22.00 -10.30 -46.41
CA SER C 155 -21.90 -9.02 -45.71
C SER C 155 -23.30 -8.53 -45.38
N ILE C 156 -23.50 -8.14 -44.13
CA ILE C 156 -24.78 -7.64 -43.65
C ILE C 156 -24.53 -6.30 -42.98
N SER C 157 -25.29 -5.27 -43.37
CA SER C 157 -25.03 -3.90 -42.83
C SER C 157 -26.30 -3.29 -42.24
N CYS C 158 -26.16 -2.77 -41.04
CA CYS C 158 -27.26 -2.03 -40.40
C CYS C 158 -26.71 -0.64 -40.11
N ARG C 159 -27.49 0.37 -40.41
CA ARG C 159 -27.01 1.76 -40.24
C ARG C 159 -27.82 2.42 -39.13
N SER C 160 -27.31 3.50 -38.58
CA SER C 160 -28.00 4.09 -37.41
C SER C 160 -28.24 5.57 -37.65
N SER C 161 -29.30 6.14 -37.06
CA SER C 161 -29.60 7.55 -37.33
C SER C 161 -28.50 8.46 -36.78
N LYS C 162 -28.02 8.18 -35.58
CA LYS C 162 -27.01 8.98 -34.92
C LYS C 162 -25.71 8.19 -34.86
N SER C 163 -24.58 8.89 -34.98
CA SER C 163 -23.29 8.23 -34.92
C SER C 163 -23.07 7.65 -33.53
N LEU C 164 -22.67 6.39 -33.47
CA LEU C 164 -22.52 5.68 -32.21
C LEU C 164 -21.15 5.87 -31.58
N LEU C 165 -20.19 6.44 -32.30
CA LEU C 165 -18.88 6.72 -31.72
C LEU C 165 -19.01 7.83 -30.68
N HIS C 166 -18.43 7.60 -29.50
CA HIS C 166 -18.55 8.50 -28.37
C HIS C 166 -17.25 9.29 -28.15
N SER C 167 -16.50 9.50 -29.23
CA SER C 167 -15.24 10.30 -29.16
C SER C 167 -14.24 9.63 -28.22
N ASN C 168 -14.59 8.45 -27.70
CA ASN C 168 -13.65 7.70 -26.81
C ASN C 168 -13.31 6.38 -27.50
N GLY C 169 -13.34 6.36 -28.84
CA GLY C 169 -13.14 5.09 -29.58
C GLY C 169 -14.11 4.03 -29.09
N ASN C 170 -15.41 4.35 -29.10
CA ASN C 170 -16.43 3.40 -28.58
C ASN C 170 -17.67 3.43 -29.47
N THR C 171 -17.59 2.85 -30.67
CA THR C 171 -18.82 2.77 -31.51
C THR C 171 -19.72 1.68 -30.91
N TYR C 172 -20.50 2.04 -29.91
CA TYR C 172 -21.36 1.10 -29.19
C TYR C 172 -22.37 0.41 -30.07
N LEU C 173 -21.94 -0.44 -30.97
CA LEU C 173 -22.92 -1.25 -31.70
C LEU C 173 -22.68 -2.71 -31.33
N TYR C 174 -23.73 -3.50 -31.23
CA TYR C 174 -23.69 -4.93 -30.80
C TYR C 174 -24.44 -5.78 -31.84
N TRP C 175 -23.89 -6.96 -32.12
CA TRP C 175 -24.47 -7.90 -33.08
C TRP C 175 -24.94 -9.15 -32.35
N PHE C 176 -26.11 -9.65 -32.75
CA PHE C 176 -26.70 -10.83 -32.14
C PHE C 176 -27.19 -11.79 -33.22
N LEU C 177 -27.16 -13.08 -32.89
CA LEU C 177 -27.57 -14.14 -33.83
C LEU C 177 -28.68 -14.94 -33.18
N GLN C 178 -29.88 -14.83 -33.71
CA GLN C 178 -31.04 -15.58 -33.23
C GLN C 178 -31.27 -16.73 -34.19
N ARG C 179 -30.68 -17.88 -33.88
CA ARG C 179 -30.98 -19.08 -34.64
C ARG C 179 -32.41 -19.52 -34.34
N PRO C 180 -33.09 -20.13 -35.31
CA PRO C 180 -34.49 -20.54 -35.07
C PRO C 180 -34.58 -21.58 -33.97
N GLY C 181 -35.36 -21.27 -32.96
CA GLY C 181 -35.62 -22.20 -31.87
C GLY C 181 -34.80 -22.00 -30.61
N GLN C 182 -34.05 -20.90 -30.49
CA GLN C 182 -33.27 -20.66 -29.30
C GLN C 182 -33.02 -19.16 -29.15
N SER C 183 -32.60 -18.78 -27.94
CA SER C 183 -32.34 -17.38 -27.64
C SER C 183 -31.12 -16.89 -28.42
N PRO C 184 -31.04 -15.59 -28.68
CA PRO C 184 -29.90 -15.06 -29.42
C PRO C 184 -28.66 -14.94 -28.55
N GLN C 185 -27.51 -14.94 -29.21
CA GLN C 185 -26.23 -14.83 -28.54
C GLN C 185 -25.45 -13.64 -29.10
N LEU C 186 -24.61 -13.06 -28.25
CA LEU C 186 -23.81 -11.91 -28.66
C LEU C 186 -22.64 -12.37 -29.50
N LEU C 187 -22.48 -11.75 -30.67
CA LEU C 187 -21.34 -12.03 -31.55
C LEU C 187 -20.27 -10.96 -31.43
N ILE C 188 -20.62 -9.70 -31.69
CA ILE C 188 -19.69 -8.59 -31.68
C ILE C 188 -20.18 -7.55 -30.69
N TYR C 189 -19.27 -7.06 -29.85
CA TYR C 189 -19.57 -5.95 -28.95
C TYR C 189 -18.64 -4.80 -29.24
N ARG C 190 -19.18 -3.57 -29.24
CA ARG C 190 -18.36 -2.36 -29.59
C ARG C 190 -18.08 -2.35 -31.10
N MET C 191 -18.82 -3.13 -31.89
CA MET C 191 -18.72 -3.12 -33.38
C MET C 191 -17.46 -3.84 -33.88
N SER C 192 -16.49 -4.12 -33.01
CA SER C 192 -15.24 -4.70 -33.50
C SER C 192 -14.71 -5.86 -32.69
N ASN C 193 -15.22 -6.13 -31.49
CA ASN C 193 -14.66 -7.13 -30.61
C ASN C 193 -15.49 -8.40 -30.68
N LEU C 194 -14.84 -9.51 -31.04
CA LEU C 194 -15.49 -10.81 -31.01
C LEU C 194 -15.70 -11.26 -29.58
N ALA C 195 -16.86 -11.85 -29.30
CA ALA C 195 -17.15 -12.34 -27.97
C ALA C 195 -16.56 -13.73 -27.77
N SER C 196 -16.65 -14.22 -26.54
CA SER C 196 -16.14 -15.55 -26.22
C SER C 196 -17.03 -16.62 -26.85
N GLY C 197 -16.40 -17.71 -27.30
CA GLY C 197 -17.13 -18.79 -27.91
C GLY C 197 -17.67 -18.50 -29.29
N VAL C 198 -17.22 -17.42 -29.91
CA VAL C 198 -17.65 -17.01 -31.24
C VAL C 198 -16.46 -17.18 -32.17
N PRO C 199 -16.59 -17.88 -33.30
CA PRO C 199 -15.43 -18.16 -34.13
C PRO C 199 -14.96 -16.95 -34.92
N ASP C 200 -13.69 -16.98 -35.32
CA ASP C 200 -13.08 -15.80 -35.99
C ASP C 200 -13.75 -15.48 -37.32
N ARG C 201 -14.43 -16.46 -37.94
CA ARG C 201 -14.99 -16.18 -39.26
C ARG C 201 -15.85 -14.92 -39.25
N PHE C 202 -16.51 -14.64 -38.12
CA PHE C 202 -17.26 -13.40 -38.00
C PHE C 202 -16.32 -12.20 -37.93
N SER C 203 -16.71 -11.12 -38.58
CA SER C 203 -15.91 -9.90 -38.58
C SER C 203 -16.84 -8.70 -38.44
N GLY C 204 -16.46 -7.77 -37.57
CA GLY C 204 -17.21 -6.55 -37.35
C GLY C 204 -16.40 -5.34 -37.75
N SER C 205 -17.03 -4.43 -38.49
CA SER C 205 -16.37 -3.22 -38.95
C SER C 205 -17.44 -2.18 -39.25
N GLY C 206 -16.99 -0.98 -39.61
CA GLY C 206 -17.87 0.11 -39.96
C GLY C 206 -17.42 1.42 -39.32
N SER C 207 -18.23 2.44 -39.54
CA SER C 207 -17.96 3.76 -38.98
C SER C 207 -19.20 4.31 -38.29
N GLY C 208 -19.16 5.58 -37.90
CA GLY C 208 -20.34 6.18 -37.29
C GLY C 208 -21.52 6.18 -38.26
N THR C 209 -22.69 5.83 -37.72
CA THR C 209 -23.97 5.82 -38.43
C THR C 209 -24.00 4.84 -39.60
N ALA C 210 -23.01 3.96 -39.72
CA ALA C 210 -23.00 2.98 -40.81
C ALA C 210 -22.07 1.83 -40.40
N PHE C 211 -22.65 0.66 -40.16
CA PHE C 211 -21.90 -0.50 -39.72
C PHE C 211 -22.29 -1.70 -40.56
N THR C 212 -21.36 -2.65 -40.68
CA THR C 212 -21.62 -3.86 -41.43
C THR C 212 -21.04 -5.05 -40.68
N LEU C 213 -21.62 -6.22 -40.91
CA LEU C 213 -21.13 -7.48 -40.36
C LEU C 213 -20.69 -8.37 -41.52
N THR C 214 -19.46 -8.87 -41.40
CA THR C 214 -18.89 -9.72 -42.48
C THR C 214 -18.65 -11.13 -41.98
N ILE C 215 -19.14 -12.13 -42.70
CA ILE C 215 -18.97 -13.54 -42.36
C ILE C 215 -18.17 -14.20 -43.45
N SER C 216 -17.13 -14.93 -43.07
CA SER C 216 -16.25 -15.62 -44.02
C SER C 216 -16.51 -17.12 -43.95
N ARG C 217 -16.64 -17.74 -45.12
CA ARG C 217 -16.82 -19.19 -45.25
C ARG C 217 -18.05 -19.66 -44.47
N LEU C 218 -19.20 -19.21 -44.96
CA LEU C 218 -20.48 -19.50 -44.33
C LEU C 218 -20.67 -21.00 -44.15
N GLU C 219 -21.11 -21.39 -42.95
CA GLU C 219 -21.26 -22.79 -42.61
C GLU C 219 -22.58 -23.03 -41.88
N ALA C 220 -22.75 -24.23 -41.33
CA ALA C 220 -23.95 -24.54 -40.59
C ALA C 220 -23.98 -23.77 -39.26
N GLU C 221 -25.10 -23.87 -38.57
CA GLU C 221 -25.34 -23.16 -37.32
C GLU C 221 -25.21 -21.64 -37.49
N ASP C 222 -25.40 -21.15 -38.71
CA ASP C 222 -25.41 -19.72 -38.98
C ASP C 222 -26.75 -19.23 -39.51
N VAL C 223 -27.66 -20.14 -39.87
CA VAL C 223 -28.97 -19.74 -40.35
C VAL C 223 -29.77 -19.15 -39.19
N GLY C 224 -30.36 -17.99 -39.41
CA GLY C 224 -31.12 -17.32 -38.38
C GLY C 224 -31.38 -15.87 -38.76
N VAL C 225 -31.58 -15.05 -37.75
CA VAL C 225 -31.83 -13.63 -37.92
C VAL C 225 -30.74 -12.85 -37.20
N TYR C 226 -30.09 -11.95 -37.92
CA TYR C 226 -28.98 -11.16 -37.39
C TYR C 226 -29.49 -9.80 -36.96
N TYR C 227 -29.31 -9.47 -35.69
CA TYR C 227 -29.76 -8.20 -35.13
C TYR C 227 -28.56 -7.31 -34.83
N CYS C 228 -28.78 -6.00 -34.96
CA CYS C 228 -27.81 -5.00 -34.54
C CYS C 228 -28.47 -4.14 -33.48
N MET C 229 -27.76 -3.91 -32.38
CA MET C 229 -28.29 -3.15 -31.26
C MET C 229 -27.29 -2.09 -30.83
N GLN C 230 -27.82 -0.91 -30.50
CA GLN C 230 -27.00 0.22 -30.06
C GLN C 230 -27.01 0.31 -28.55
N HIS C 231 -25.89 0.73 -27.98
CA HIS C 231 -25.77 0.91 -26.54
C HIS C 231 -25.18 2.27 -26.21
N LEU C 232 -25.33 3.24 -27.12
CA LEU C 232 -24.71 4.57 -26.91
C LEU C 232 -25.31 5.20 -25.63
N GLU C 233 -26.65 5.30 -25.74
CA GLU C 233 -27.52 5.84 -24.69
C GLU C 233 -28.51 4.73 -24.37
N TYR C 234 -29.39 4.88 -23.38
CA TYR C 234 -30.23 3.75 -22.90
C TYR C 234 -31.54 3.50 -23.67
N PRO C 235 -32.18 4.43 -24.40
CA PRO C 235 -33.36 4.14 -25.19
C PRO C 235 -32.89 3.01 -26.10
N LEU C 236 -32.63 1.81 -25.57
CA LEU C 236 -32.05 0.70 -26.37
C LEU C 236 -32.97 0.41 -27.57
N THR C 237 -32.38 0.37 -28.77
CA THR C 237 -33.18 0.09 -29.99
C THR C 237 -32.48 -1.02 -30.81
N PHE C 238 -33.25 -1.99 -31.30
CA PHE C 238 -32.69 -3.12 -32.07
C PHE C 238 -33.16 -3.04 -33.53
N GLY C 239 -32.32 -3.45 -34.48
CA GLY C 239 -32.74 -3.49 -35.86
C GLY C 239 -33.88 -4.48 -36.09
N ALA C 240 -34.52 -4.34 -37.24
CA ALA C 240 -35.69 -5.15 -37.55
C ALA C 240 -35.34 -6.60 -37.86
N GLY C 241 -34.07 -6.93 -38.02
CA GLY C 241 -33.68 -8.29 -38.34
C GLY C 241 -33.26 -8.43 -39.79
N THR C 242 -32.37 -9.39 -40.04
CA THR C 242 -31.81 -9.59 -41.37
C THR C 242 -32.22 -10.90 -42.01
N LYS C 243 -32.48 -11.94 -41.22
CA LYS C 243 -33.03 -13.21 -41.72
C LYS C 243 -32.14 -13.81 -42.81
N LEU C 244 -30.94 -14.20 -42.37
CA LEU C 244 -30.05 -14.95 -43.24
C LEU C 244 -30.65 -16.32 -43.52
N GLU C 245 -30.80 -16.65 -44.80
CA GLU C 245 -31.47 -17.87 -45.22
C GLU C 245 -30.66 -18.56 -46.31
N LEU C 246 -30.83 -19.88 -46.40
CA LEU C 246 -30.13 -20.67 -47.40
C LEU C 246 -30.90 -20.70 -48.72
N ALA D 1 -10.48 49.06 12.29
CA ALA D 1 -9.36 48.63 11.47
C ALA D 1 -8.91 47.23 11.85
N LEU D 2 -8.80 46.97 13.15
CA LEU D 2 -8.44 45.64 13.62
C LEU D 2 -9.56 44.64 13.34
N LEU D 3 -10.80 45.10 13.28
CA LEU D 3 -11.92 44.21 13.00
C LEU D 3 -11.83 43.67 11.58
N ALA D 4 -11.38 44.49 10.63
CA ALA D 4 -11.16 44.00 9.28
C ALA D 4 -10.08 42.93 9.26
N LEU D 5 -9.00 43.14 10.01
CA LEU D 5 -7.95 42.14 10.08
C LEU D 5 -8.49 40.83 10.66
N ALA D 6 -9.33 40.93 11.69
CA ALA D 6 -9.94 39.73 12.25
C ALA D 6 -10.82 39.02 11.23
N VAL D 7 -11.60 39.79 10.46
CA VAL D 7 -12.50 39.18 9.48
C VAL D 7 -11.70 38.43 8.42
N LEU D 8 -10.67 39.08 7.88
CA LEU D 8 -9.86 38.42 6.86
C LEU D 8 -9.08 37.25 7.42
N ALA D 9 -8.61 37.33 8.67
CA ALA D 9 -7.95 36.20 9.30
C ALA D 9 -8.90 35.02 9.43
N THR D 10 -10.12 35.28 9.92
CA THR D 10 -11.11 34.22 10.06
C THR D 10 -11.38 33.54 8.74
N VAL D 11 -11.73 34.33 7.71
CA VAL D 11 -12.14 33.75 6.44
C VAL D 11 -10.97 33.00 5.80
N GLY D 12 -9.79 33.63 5.76
CA GLY D 12 -8.65 32.96 5.15
C GLY D 12 -8.28 31.68 5.84
N GLY D 13 -8.12 31.73 7.17
CA GLY D 13 -7.71 30.55 7.90
C GLY D 13 -8.70 29.40 7.77
N ASN D 14 -9.99 29.70 7.93
CA ASN D 14 -10.96 28.61 7.91
C ASN D 14 -11.22 28.09 6.50
N LEU D 15 -11.21 28.96 5.49
CA LEU D 15 -11.31 28.47 4.12
C LEU D 15 -10.12 27.60 3.76
N LEU D 16 -8.92 28.01 4.19
CA LEU D 16 -7.74 27.18 3.95
C LEU D 16 -7.86 25.83 4.65
N VAL D 17 -8.37 25.83 5.88
CA VAL D 17 -8.52 24.57 6.61
C VAL D 17 -9.50 23.65 5.88
N ILE D 18 -10.64 24.19 5.47
CA ILE D 18 -11.65 23.39 4.77
C ILE D 18 -11.07 22.83 3.47
N VAL D 19 -10.38 23.69 2.71
CA VAL D 19 -9.81 23.27 1.43
C VAL D 19 -8.78 22.18 1.64
N ALA D 20 -7.91 22.35 2.64
CA ALA D 20 -6.87 21.36 2.91
C ALA D 20 -7.47 20.02 3.30
N ILE D 21 -8.47 20.03 4.18
CA ILE D 21 -9.07 18.77 4.60
C ILE D 21 -9.78 18.09 3.44
N ALA D 22 -10.51 18.86 2.64
CA ALA D 22 -11.26 18.25 1.55
C ALA D 22 -10.34 17.70 0.47
N TRP D 23 -9.30 18.44 0.09
CA TRP D 23 -8.46 18.01 -1.01
C TRP D 23 -7.33 17.07 -0.59
N THR D 24 -7.07 16.92 0.70
CA THR D 24 -6.04 15.98 1.12
C THR D 24 -6.70 14.68 1.56
N PRO D 25 -6.57 13.59 0.81
CA PRO D 25 -7.21 12.34 1.21
C PRO D 25 -6.65 11.76 2.48
N ARG D 26 -5.45 12.19 2.83
CA ARG D 26 -4.74 11.65 4.02
C ARG D 26 -5.22 12.33 5.31
N LEU D 27 -5.84 13.51 5.18
CA LEU D 27 -6.27 14.29 6.37
C LEU D 27 -7.71 13.95 6.78
N GLN D 28 -8.43 13.16 5.97
CA GLN D 28 -9.83 12.87 6.24
C GLN D 28 -9.91 11.74 7.26
N THR D 29 -9.62 12.09 8.51
CA THR D 29 -9.38 11.10 9.55
C THR D 29 -10.47 11.08 10.62
N MET D 30 -11.72 11.32 10.20
CA MET D 30 -12.90 11.21 11.11
C MET D 30 -12.94 12.38 12.10
N THR D 31 -11.80 12.77 12.67
CA THR D 31 -11.83 13.90 13.59
C THR D 31 -11.73 15.21 12.86
N ASN D 32 -11.21 15.15 11.62
CA ASN D 32 -11.25 16.36 10.78
C ASN D 32 -12.71 16.58 10.39
N VAL D 33 -13.55 15.53 10.44
CA VAL D 33 -14.97 15.78 10.19
C VAL D 33 -15.49 16.84 11.14
N PHE D 34 -15.23 16.69 12.43
CA PHE D 34 -15.59 17.73 13.38
C PHE D 34 -14.78 19.00 13.14
N VAL D 35 -13.51 18.86 12.79
CA VAL D 35 -12.70 20.05 12.50
C VAL D 35 -13.29 20.82 11.32
N THR D 36 -13.78 20.12 10.30
CA THR D 36 -14.34 20.83 9.15
C THR D 36 -15.72 21.39 9.45
N SER D 37 -16.48 20.75 10.35
CA SER D 37 -17.71 21.39 10.81
C SER D 37 -17.42 22.69 11.55
N LEU D 38 -16.43 22.67 12.43
CA LEU D 38 -16.04 23.89 13.14
C LEU D 38 -15.49 24.94 12.19
N ALA D 39 -14.72 24.51 11.19
CA ALA D 39 -14.18 25.44 10.23
C ALA D 39 -15.27 26.07 9.38
N ALA D 40 -16.30 25.29 9.03
CA ALA D 40 -17.45 25.87 8.35
C ALA D 40 -18.16 26.89 9.23
N ALA D 41 -18.34 26.56 10.51
CA ALA D 41 -18.97 27.51 11.43
C ALA D 41 -18.18 28.81 11.54
N ASP D 42 -16.85 28.70 11.64
CA ASP D 42 -16.03 29.90 11.74
C ASP D 42 -16.00 30.66 10.42
N LEU D 43 -16.06 29.96 9.29
CA LEU D 43 -16.09 30.62 8.00
C LEU D 43 -17.37 31.43 7.82
N VAL D 44 -18.51 30.85 8.21
CA VAL D 44 -19.74 31.63 8.14
C VAL D 44 -19.77 32.73 9.20
N MET D 45 -19.08 32.55 10.33
CA MET D 45 -18.84 33.69 11.22
C MET D 45 -18.13 34.84 10.52
N GLY D 46 -17.00 34.54 9.88
CA GLY D 46 -16.24 35.58 9.23
C GLY D 46 -16.94 36.18 8.04
N LEU D 47 -17.87 35.45 7.43
CA LEU D 47 -18.53 35.92 6.23
C LEU D 47 -19.84 36.66 6.53
N LEU D 48 -20.81 35.97 7.16
CA LEU D 48 -22.14 36.52 7.34
C LEU D 48 -22.43 37.02 8.74
N VAL D 49 -21.43 37.08 9.62
CA VAL D 49 -21.62 37.51 11.00
C VAL D 49 -20.81 38.77 11.31
N VAL D 50 -19.50 38.68 11.19
CA VAL D 50 -18.60 39.74 11.66
C VAL D 50 -18.58 40.97 10.75
N PRO D 51 -18.72 40.85 9.42
CA PRO D 51 -18.71 42.07 8.59
C PRO D 51 -19.85 43.02 8.93
N PRO D 52 -21.10 42.56 9.06
CA PRO D 52 -22.15 43.51 9.46
C PRO D 52 -21.89 44.17 10.81
N ALA D 53 -21.38 43.41 11.78
CA ALA D 53 -21.11 43.99 13.09
C ALA D 53 -19.98 45.02 13.02
N ALA D 54 -18.92 44.71 12.28
CA ALA D 54 -17.83 45.66 12.14
C ALA D 54 -18.28 46.92 11.43
N THR D 55 -19.10 46.77 10.39
CA THR D 55 -19.58 47.95 9.67
C THR D 55 -20.49 48.79 10.55
N LEU D 56 -21.32 48.13 11.36
CA LEU D 56 -22.16 48.86 12.31
C LEU D 56 -21.33 49.61 13.34
N ALA D 57 -20.25 48.98 13.84
CA ALA D 57 -19.43 49.63 14.84
C ALA D 57 -18.66 50.81 14.27
N LEU D 58 -18.01 50.61 13.13
CA LEU D 58 -17.23 51.69 12.52
C LEU D 58 -18.14 52.73 11.85
N THR D 59 -19.42 52.40 11.71
CA THR D 59 -20.40 53.34 11.10
C THR D 59 -21.77 53.05 11.71
N GLY D 60 -22.32 54.00 12.48
CA GLY D 60 -23.59 53.77 13.19
C GLY D 60 -24.62 53.07 12.33
N HIS D 61 -24.75 53.47 11.06
CA HIS D 61 -25.78 52.88 10.17
C HIS D 61 -25.63 51.36 10.13
N TRP D 62 -26.72 50.63 10.35
CA TRP D 62 -26.68 49.14 10.27
C TRP D 62 -26.63 48.72 8.79
N PRO D 63 -25.57 48.02 8.33
CA PRO D 63 -25.43 47.70 6.91
C PRO D 63 -26.59 46.82 6.42
N LEU D 64 -27.15 45.99 7.31
CA LEU D 64 -28.24 45.07 6.93
C LEU D 64 -29.61 45.76 7.09
N GLY D 65 -30.62 45.31 6.33
CA GLY D 65 -31.94 45.88 6.44
C GLY D 65 -32.54 45.72 7.83
N ALA D 66 -33.66 46.42 8.05
CA ALA D 66 -34.37 46.29 9.32
C ALA D 66 -34.86 44.85 9.53
N THR D 67 -35.39 44.23 8.48
CA THR D 67 -35.76 42.82 8.56
C THR D 67 -34.53 41.92 8.47
N GLY D 68 -33.47 42.37 7.80
CA GLY D 68 -32.29 41.55 7.66
C GLY D 68 -31.56 41.30 8.96
N CYS D 69 -31.66 42.25 9.90
CA CYS D 69 -31.01 42.08 11.19
C CYS D 69 -31.68 40.99 12.02
N GLU D 70 -32.99 40.84 11.89
CA GLU D 70 -33.71 39.85 12.68
C GLU D 70 -33.41 38.43 12.24
N LEU D 71 -32.83 38.24 11.06
CA LEU D 71 -32.28 36.95 10.67
C LEU D 71 -30.76 36.92 10.69
N TRP D 72 -30.11 38.07 10.82
CA TRP D 72 -28.68 38.11 11.04
C TRP D 72 -28.30 37.76 12.46
N THR D 73 -29.14 38.12 13.44
CA THR D 73 -28.94 37.67 14.82
C THR D 73 -29.11 36.17 14.97
N SER D 74 -30.03 35.56 14.24
CA SER D 74 -30.21 34.12 14.26
C SER D 74 -29.16 33.38 13.45
N VAL D 75 -28.42 34.06 12.57
CA VAL D 75 -27.21 33.49 12.01
C VAL D 75 -26.05 33.58 12.99
N ASP D 76 -25.98 34.63 13.80
CA ASP D 76 -25.02 34.72 14.89
C ASP D 76 -25.20 33.61 15.91
N VAL D 77 -26.43 33.47 16.43
CA VAL D 77 -26.70 32.46 17.43
C VAL D 77 -26.49 31.06 16.88
N LEU D 78 -26.90 30.81 15.64
CA LEU D 78 -26.70 29.51 15.01
C LEU D 78 -25.22 29.17 14.92
N CYS D 79 -24.43 30.08 14.36
CA CYS D 79 -23.03 29.83 14.10
C CYS D 79 -22.22 29.70 15.38
N VAL D 80 -22.48 30.56 16.37
CA VAL D 80 -21.76 30.46 17.64
C VAL D 80 -22.09 29.15 18.35
N THR D 81 -23.38 28.79 18.39
CA THR D 81 -23.76 27.52 19.02
C THR D 81 -23.13 26.34 18.30
N ALA D 82 -23.09 26.38 16.98
CA ALA D 82 -22.49 25.30 16.21
C ALA D 82 -21.00 25.21 16.49
N SER D 83 -20.30 26.35 16.58
CA SER D 83 -18.87 26.30 16.86
C SER D 83 -18.60 25.76 18.26
N ILE D 84 -19.39 26.18 19.26
CA ILE D 84 -19.14 25.70 20.61
C ILE D 84 -19.48 24.21 20.74
N TRP D 85 -20.57 23.78 20.14
CA TRP D 85 -20.91 22.36 20.19
C TRP D 85 -19.93 21.52 19.39
N THR D 86 -19.32 22.08 18.35
CA THR D 86 -18.30 21.34 17.63
C THR D 86 -17.02 21.27 18.44
N LEU D 87 -16.69 22.32 19.19
CA LEU D 87 -15.57 22.24 20.12
C LEU D 87 -15.80 21.15 21.15
N CYS D 88 -17.03 21.07 21.68
CA CYS D 88 -17.36 20.00 22.61
C CYS D 88 -17.24 18.63 21.95
N ALA D 89 -17.67 18.52 20.69
CA ALA D 89 -17.52 17.27 19.96
C ALA D 89 -16.07 16.88 19.80
N LEU D 90 -15.20 17.85 19.51
CA LEU D 90 -13.78 17.57 19.36
C LEU D 90 -13.17 17.14 20.70
N ALA D 91 -13.58 17.77 21.79
CA ALA D 91 -13.14 17.34 23.11
C ALA D 91 -13.56 15.90 23.38
N VAL D 92 -14.80 15.57 23.04
CA VAL D 92 -15.31 14.21 23.28
C VAL D 92 -14.57 13.20 22.43
N ASP D 93 -14.27 13.57 21.19
CA ASP D 93 -13.50 12.68 20.33
C ASP D 93 -12.11 12.43 20.89
N ARG D 94 -11.46 13.48 21.40
CA ARG D 94 -10.15 13.29 22.02
C ARG D 94 -10.25 12.40 23.26
N TYR D 95 -11.30 12.58 24.05
CA TYR D 95 -11.51 11.75 25.23
C TYR D 95 -11.65 10.28 24.85
N LEU D 96 -12.46 9.99 23.83
CA LEU D 96 -12.66 8.60 23.43
C LEU D 96 -11.41 8.01 22.80
N ALA D 97 -10.63 8.82 22.09
CA ALA D 97 -9.41 8.31 21.48
C ALA D 97 -8.32 8.06 22.52
N VAL D 98 -8.29 8.83 23.60
CA VAL D 98 -7.24 8.65 24.59
C VAL D 98 -7.62 7.61 25.63
N THR D 99 -8.86 7.63 26.12
CA THR D 99 -9.23 6.76 27.23
C THR D 99 -9.66 5.37 26.78
N ASN D 100 -10.23 5.26 25.58
CA ASN D 100 -10.60 3.97 24.99
C ASN D 100 -10.03 3.90 23.59
N PRO D 101 -8.73 3.65 23.46
CA PRO D 101 -8.14 3.60 22.12
C PRO D 101 -8.50 2.34 21.34
N LEU D 102 -8.40 1.20 22.01
CA LEU D 102 -8.68 -0.08 21.36
C LEU D 102 -10.11 -0.13 20.86
N ARG D 103 -11.06 0.26 21.70
CA ARG D 103 -12.45 0.27 21.26
C ARG D 103 -12.77 1.46 20.38
N TYR D 104 -12.11 2.61 20.59
CA TYR D 104 -12.34 3.77 19.75
C TYR D 104 -11.96 3.51 18.31
N GLY D 105 -11.07 2.54 18.07
CA GLY D 105 -10.79 2.14 16.70
C GLY D 105 -12.02 1.97 15.83
N ALA D 106 -13.16 1.59 16.43
CA ALA D 106 -14.41 1.50 15.69
C ALA D 106 -15.61 1.99 16.48
N LEU D 107 -15.40 2.58 17.65
CA LEU D 107 -16.51 3.06 18.49
C LEU D 107 -17.24 4.22 17.82
N VAL D 108 -16.50 5.16 17.24
CA VAL D 108 -17.09 6.26 16.49
C VAL D 108 -16.65 6.14 15.04
N THR D 109 -17.62 5.95 14.16
CA THR D 109 -17.42 5.65 12.75
C THR D 109 -17.77 6.88 11.91
N LYS D 110 -17.70 6.71 10.59
CA LYS D 110 -18.11 7.79 9.70
C LYS D 110 -19.59 8.10 9.87
N ARG D 111 -20.40 7.06 10.04
CA ARG D 111 -21.85 7.28 10.26
C ARG D 111 -22.03 8.11 11.54
N CYS D 112 -21.34 7.75 12.62
CA CYS D 112 -21.52 8.45 13.88
C CYS D 112 -21.00 9.88 13.78
N ALA D 113 -19.88 10.08 13.09
CA ALA D 113 -19.34 11.43 12.94
C ALA D 113 -20.29 12.32 12.14
N ARG D 114 -20.91 11.82 11.09
CA ARG D 114 -21.76 12.65 10.21
C ARG D 114 -23.14 12.76 10.81
N THR D 115 -23.53 11.86 11.71
CA THR D 115 -24.73 12.05 12.50
C THR D 115 -24.52 13.08 13.59
N ALA D 116 -23.35 13.05 14.25
CA ALA D 116 -23.07 14.01 15.30
C ALA D 116 -22.95 15.43 14.75
N VAL D 117 -22.30 15.58 13.59
CA VAL D 117 -22.20 16.91 13.00
C VAL D 117 -23.58 17.42 12.60
N VAL D 118 -24.41 16.57 12.00
CA VAL D 118 -25.75 16.98 11.62
C VAL D 118 -26.57 17.33 12.85
N LEU D 119 -26.41 16.57 13.93
CA LEU D 119 -27.16 16.85 15.15
C LEU D 119 -26.69 18.15 15.80
N VAL D 120 -25.39 18.42 15.75
CA VAL D 120 -24.86 19.69 16.28
C VAL D 120 -25.46 20.85 15.52
N TRP D 121 -25.50 20.76 14.19
CA TRP D 121 -26.02 21.87 13.42
C TRP D 121 -27.53 21.99 13.51
N VAL D 122 -28.24 20.86 13.66
CA VAL D 122 -29.69 20.93 13.85
C VAL D 122 -30.03 21.57 15.20
N VAL D 123 -29.31 21.20 16.25
CA VAL D 123 -29.55 21.82 17.55
C VAL D 123 -29.20 23.30 17.52
N SER D 124 -28.11 23.65 16.82
CA SER D 124 -27.76 25.06 16.69
C SER D 124 -28.86 25.85 16.00
N ALA D 125 -29.38 25.31 14.89
CA ALA D 125 -30.45 26.00 14.17
C ALA D 125 -31.72 26.08 15.02
N ALA D 126 -32.03 25.03 15.77
CA ALA D 126 -33.21 25.05 16.62
C ALA D 126 -33.11 26.12 17.69
N VAL D 127 -31.98 26.16 18.39
CA VAL D 127 -31.78 27.17 19.43
C VAL D 127 -31.77 28.56 18.82
N SER D 128 -31.25 28.70 17.61
CA SER D 128 -31.13 30.01 16.99
C SER D 128 -32.48 30.54 16.54
N PHE D 129 -33.30 29.70 15.93
CA PHE D 129 -34.56 30.12 15.32
C PHE D 129 -35.77 29.86 16.19
N ALA D 130 -35.58 29.38 17.42
CA ALA D 130 -36.70 29.28 18.35
C ALA D 130 -37.42 30.61 18.59
N PRO D 131 -36.73 31.75 18.75
CA PRO D 131 -37.47 33.01 18.91
C PRO D 131 -38.37 33.36 17.73
N ILE D 132 -37.98 32.99 16.51
CA ILE D 132 -38.80 33.30 15.35
C ILE D 132 -40.15 32.59 15.44
N MET D 133 -40.14 31.33 15.88
CA MET D 133 -41.38 30.60 16.08
C MET D 133 -42.08 31.07 17.35
N ASN D 160 -38.30 36.59 27.62
CA ASN D 160 -36.95 36.90 27.16
C ASN D 160 -35.91 36.47 28.18
N MET D 161 -36.11 36.87 29.43
CA MET D 161 -35.16 36.47 30.48
C MET D 161 -35.04 34.95 30.61
N PRO D 162 -36.12 34.17 30.68
CA PRO D 162 -35.93 32.71 30.68
C PRO D 162 -35.25 32.19 29.42
N TYR D 163 -35.58 32.76 28.26
CA TYR D 163 -34.98 32.28 27.02
C TYR D 163 -33.49 32.55 26.99
N VAL D 164 -33.06 33.71 27.48
CA VAL D 164 -31.62 34.01 27.48
C VAL D 164 -30.87 33.03 28.36
N LEU D 165 -31.40 32.76 29.56
CA LEU D 165 -30.77 31.81 30.46
C LEU D 165 -30.70 30.42 29.83
N LEU D 166 -31.82 29.93 29.30
CA LEU D 166 -31.83 28.59 28.74
C LEU D 166 -30.93 28.48 27.51
N SER D 167 -30.96 29.49 26.64
CA SER D 167 -30.13 29.47 25.45
C SER D 167 -28.65 29.50 25.79
N SER D 168 -28.26 30.33 26.77
CA SER D 168 -26.86 30.38 27.14
C SER D 168 -26.42 29.10 27.83
N SER D 169 -27.32 28.46 28.58
CA SER D 169 -26.97 27.19 29.21
C SER D 169 -26.80 26.08 28.18
N VAL D 170 -27.71 26.02 27.20
CA VAL D 170 -27.64 24.97 26.19
C VAL D 170 -26.46 25.19 25.25
N SER D 171 -26.23 26.45 24.86
CA SER D 171 -25.19 26.73 23.84
C SER D 171 -23.79 26.80 24.44
N PHE D 172 -23.65 27.34 25.65
CA PHE D 172 -22.31 27.53 26.21
C PHE D 172 -22.04 26.70 27.45
N TYR D 173 -22.88 26.81 28.48
CA TYR D 173 -22.50 26.31 29.79
C TYR D 173 -22.49 24.79 29.84
N LEU D 174 -23.50 24.15 29.25
CA LEU D 174 -23.50 22.69 29.21
C LEU D 174 -22.33 22.13 28.41
N PRO D 175 -22.05 22.57 27.18
CA PRO D 175 -20.83 22.11 26.51
C PRO D 175 -19.56 22.48 27.25
N LEU D 176 -19.50 23.63 27.91
CA LEU D 176 -18.30 24.00 28.66
C LEU D 176 -18.05 23.04 29.80
N LEU D 177 -19.10 22.67 30.54
CA LEU D 177 -18.95 21.70 31.62
C LEU D 177 -18.53 20.34 31.08
N VAL D 178 -19.14 19.93 29.96
CA VAL D 178 -18.77 18.65 29.35
C VAL D 178 -17.29 18.64 28.98
N MET D 179 -16.82 19.70 28.32
CA MET D 179 -15.43 19.78 27.94
C MET D 179 -14.50 19.85 29.15
N LEU D 180 -14.92 20.52 30.22
CA LEU D 180 -14.09 20.57 31.41
C LEU D 180 -13.91 19.19 32.02
N PHE D 181 -15.01 18.43 32.16
CA PHE D 181 -14.91 17.08 32.68
C PHE D 181 -14.05 16.20 31.78
N VAL D 182 -14.32 16.25 30.47
CA VAL D 182 -13.61 15.45 29.48
C VAL D 182 -12.11 15.76 29.50
N TYR D 183 -11.75 17.04 29.50
CA TYR D 183 -10.35 17.42 29.43
C TYR D 183 -9.65 17.22 30.76
N ALA D 184 -10.38 17.28 31.88
CA ALA D 184 -9.78 16.89 33.15
C ALA D 184 -9.40 15.42 33.16
N ARG D 185 -10.28 14.56 32.67
CA ARG D 185 -9.96 13.13 32.59
C ARG D 185 -8.78 12.89 31.66
N VAL D 186 -8.76 13.57 30.51
CA VAL D 186 -7.66 13.42 29.57
C VAL D 186 -6.37 13.94 30.19
N PHE D 187 -6.45 15.00 30.99
CA PHE D 187 -5.26 15.55 31.62
C PHE D 187 -4.68 14.60 32.64
N VAL D 188 -5.52 14.00 33.49
CA VAL D 188 -4.97 13.06 34.47
C VAL D 188 -4.38 11.85 33.78
N VAL D 189 -5.02 11.37 32.71
CA VAL D 189 -4.47 10.24 31.96
C VAL D 189 -3.11 10.61 31.36
N ALA D 190 -3.04 11.79 30.75
CA ALA D 190 -1.81 12.20 30.07
C ALA D 190 -0.68 12.46 31.05
N THR D 191 -0.97 13.07 32.19
CA THR D 191 0.07 13.32 33.18
C THR D 191 0.55 12.01 33.79
N ARG D 192 -0.36 11.07 34.06
CA ARG D 192 0.06 9.77 34.56
C ARG D 192 0.97 9.08 33.56
N GLN D 193 0.61 9.12 32.28
CA GLN D 193 1.43 8.47 31.27
C GLN D 193 2.79 9.15 31.13
N LEU D 194 2.82 10.49 31.22
CA LEU D 194 4.09 11.20 31.13
C LEU D 194 5.00 10.85 32.31
N ARG D 195 4.46 10.82 33.52
CA ARG D 195 5.28 10.47 34.68
C ARG D 195 5.76 9.04 34.59
N LEU D 196 4.89 8.12 34.15
CA LEU D 196 5.31 6.73 33.95
C LEU D 196 6.42 6.63 32.93
N LEU D 197 6.29 7.34 31.80
CA LEU D 197 7.32 7.32 30.77
C LEU D 197 8.64 7.87 31.30
N ARG D 198 8.58 8.96 32.04
CA ARG D 198 9.80 9.55 32.59
C ARG D 198 10.48 8.58 33.55
N GLY D 199 9.69 7.89 34.36
CA GLY D 199 10.27 6.84 35.20
C GLY D 199 10.90 5.73 34.40
N GLU D 200 10.22 5.29 33.34
CA GLU D 200 10.74 4.19 32.52
C GLU D 200 12.07 4.56 31.89
N LEU D 201 12.14 5.74 31.27
CA LEU D 201 13.37 6.14 30.59
C LEU D 201 14.46 6.58 31.56
N GLY D 202 14.10 6.96 32.78
CA GLY D 202 15.07 7.40 33.75
C GLY D 202 15.66 6.31 34.62
N ARG D 203 15.34 5.05 34.37
CA ARG D 203 15.87 3.94 35.15
C ARG D 203 17.33 3.65 34.82
N PHE D 204 17.77 3.89 33.59
CA PHE D 204 19.16 3.63 33.23
C PHE D 204 19.88 4.93 32.88
N ARG D 248 3.60 18.79 25.87
CA ARG D 248 3.11 18.90 27.24
C ARG D 248 1.60 18.95 27.27
N ALA D 249 0.99 18.10 28.10
CA ALA D 249 -0.47 18.11 28.22
C ALA D 249 -0.95 19.42 28.81
N LEU D 250 -0.21 19.96 29.79
CA LEU D 250 -0.62 21.20 30.43
C LEU D 250 -0.72 22.34 29.41
N CYS D 251 0.33 22.52 28.60
CA CYS D 251 0.33 23.61 27.63
C CYS D 251 -0.80 23.44 26.61
N THR D 252 -0.95 22.24 26.06
CA THR D 252 -1.93 22.02 25.01
C THR D 252 -3.36 22.18 25.53
N LEU D 253 -3.69 21.49 26.63
CA LEU D 253 -5.03 21.58 27.19
C LEU D 253 -5.33 22.97 27.71
N GLY D 254 -4.35 23.62 28.34
CA GLY D 254 -4.56 24.98 28.80
C GLY D 254 -4.76 25.94 27.67
N LEU D 255 -4.06 25.74 26.56
CA LEU D 255 -4.31 26.57 25.38
C LEU D 255 -5.72 26.37 24.87
N ILE D 256 -6.13 25.11 24.71
CA ILE D 256 -7.45 24.80 24.16
C ILE D 256 -8.55 25.38 25.03
N MET D 257 -8.44 25.19 26.34
CA MET D 257 -9.47 25.67 27.26
C MET D 257 -9.39 27.17 27.47
N GLY D 258 -8.18 27.73 27.52
CA GLY D 258 -8.03 29.14 27.78
C GLY D 258 -8.51 30.01 26.65
N THR D 259 -8.24 29.64 25.41
CA THR D 259 -8.77 30.41 24.30
C THR D 259 -10.30 30.45 24.35
N PHE D 260 -10.91 29.27 24.42
CA PHE D 260 -12.36 29.17 24.40
C PHE D 260 -12.99 29.90 25.59
N THR D 261 -12.41 29.74 26.78
CA THR D 261 -12.96 30.38 27.97
C THR D 261 -12.78 31.89 27.89
N LEU D 262 -11.52 32.36 27.82
CA LEU D 262 -11.25 33.78 27.78
C LEU D 262 -12.02 34.48 26.68
N CYS D 263 -12.48 33.74 25.67
CA CYS D 263 -13.25 34.41 24.63
C CYS D 263 -14.76 34.37 24.85
N TRP D 264 -15.34 33.18 25.06
CA TRP D 264 -16.79 33.08 25.11
C TRP D 264 -17.38 33.06 26.51
N LEU D 265 -16.57 33.03 27.56
CA LEU D 265 -17.11 32.98 28.91
C LEU D 265 -17.53 34.37 29.40
N PRO D 266 -16.76 35.44 29.16
CA PRO D 266 -17.26 36.77 29.55
C PRO D 266 -18.59 37.10 28.92
N PHE D 267 -18.78 36.80 27.64
CA PHE D 267 -20.02 37.16 26.98
C PHE D 267 -21.19 36.35 27.52
N PHE D 268 -21.01 35.04 27.71
CA PHE D 268 -22.10 34.22 28.21
C PHE D 268 -22.28 34.32 29.71
N LEU D 269 -21.40 35.01 30.40
CA LEU D 269 -21.62 35.38 31.78
C LEU D 269 -22.36 36.71 31.89
N ALA D 270 -21.96 37.70 31.09
CA ALA D 270 -22.71 38.95 31.03
C ALA D 270 -24.09 38.73 30.45
N ASN D 271 -24.28 37.70 29.63
CA ASN D 271 -25.61 37.36 29.14
C ASN D 271 -26.54 37.04 30.29
N VAL D 272 -26.11 36.13 31.17
CA VAL D 272 -26.91 35.77 32.33
C VAL D 272 -27.06 36.97 33.27
N LEU D 273 -26.02 37.79 33.37
CA LEU D 273 -26.10 38.97 34.24
C LEU D 273 -27.15 39.95 33.75
N ARG D 274 -27.17 40.24 32.46
CA ARG D 274 -28.21 41.10 31.89
C ARG D 274 -29.58 40.48 32.10
N ALA D 275 -29.71 39.18 31.79
CA ALA D 275 -31.01 38.52 31.92
C ALA D 275 -31.55 38.59 33.34
N LEU D 276 -30.68 38.37 34.33
CA LEU D 276 -31.12 38.33 35.71
C LEU D 276 -31.33 39.72 36.29
N GLY D 277 -30.27 40.53 36.31
CA GLY D 277 -30.36 41.82 36.95
C GLY D 277 -30.96 42.93 36.11
N GLY D 278 -31.39 42.65 34.89
CA GLY D 278 -31.91 43.68 34.02
C GLY D 278 -30.85 44.20 33.06
N PRO D 279 -31.28 44.66 31.89
CA PRO D 279 -30.32 45.13 30.89
C PRO D 279 -29.48 46.31 31.35
N SER D 280 -29.93 47.07 32.35
CA SER D 280 -29.20 48.25 32.77
C SER D 280 -27.88 47.92 33.46
N LEU D 281 -27.74 46.72 34.02
CA LEU D 281 -26.56 46.40 34.81
C LEU D 281 -25.30 46.36 33.97
N VAL D 282 -25.36 45.74 32.79
CA VAL D 282 -24.22 45.61 31.90
C VAL D 282 -24.44 46.54 30.71
N PRO D 283 -23.57 47.52 30.47
CA PRO D 283 -23.80 48.46 29.38
C PRO D 283 -23.66 47.82 28.00
N GLY D 284 -24.37 48.44 27.05
CA GLY D 284 -24.29 47.97 25.67
C GLY D 284 -22.84 47.90 25.26
N PRO D 285 -22.09 49.02 25.15
CA PRO D 285 -20.71 48.92 24.62
C PRO D 285 -19.91 47.79 25.23
N ALA D 286 -20.09 47.52 26.53
CA ALA D 286 -19.41 46.37 27.14
C ALA D 286 -19.91 45.06 26.55
N PHE D 287 -21.23 44.95 26.34
CA PHE D 287 -21.77 43.75 25.71
C PHE D 287 -21.18 43.55 24.32
N LEU D 288 -21.12 44.64 23.56
CA LEU D 288 -20.54 44.57 22.19
C LEU D 288 -19.09 44.08 22.30
N ALA D 289 -18.32 44.66 23.23
CA ALA D 289 -16.91 44.29 23.37
C ALA D 289 -16.75 42.80 23.68
N LEU D 290 -17.60 42.26 24.55
CA LEU D 290 -17.50 40.83 24.85
C LEU D 290 -17.90 39.98 23.64
N ASN D 291 -18.95 40.40 22.94
CA ASN D 291 -19.41 39.60 21.80
C ASN D 291 -18.28 39.71 20.79
N TRP D 292 -17.57 40.82 20.75
CA TRP D 292 -16.49 41.04 19.78
C TRP D 292 -15.22 40.31 20.22
N LEU D 293 -15.22 39.71 21.38
CA LEU D 293 -14.08 38.90 21.88
C LEU D 293 -14.38 37.47 21.45
N GLY D 294 -15.63 37.06 21.49
CA GLY D 294 -15.93 35.75 20.96
C GLY D 294 -15.63 35.73 19.49
N TYR D 295 -16.03 36.73 18.75
CA TYR D 295 -15.68 36.70 17.33
C TYR D 295 -14.19 36.46 17.14
N ALA D 296 -13.36 37.04 18.00
CA ALA D 296 -11.93 36.77 17.96
C ALA D 296 -11.64 35.29 18.21
N ASN D 297 -12.41 34.65 19.08
CA ASN D 297 -12.27 33.20 19.26
C ASN D 297 -12.51 32.47 17.96
N SER D 298 -13.61 32.81 17.29
CA SER D 298 -13.90 32.18 16.01
C SER D 298 -12.76 32.38 15.03
N ALA D 299 -12.08 33.52 15.11
CA ALA D 299 -10.89 33.73 14.28
C ALA D 299 -9.76 32.78 14.66
N PHE D 300 -9.53 32.61 15.97
CA PHE D 300 -8.37 31.88 16.48
C PHE D 300 -8.53 30.36 16.47
N ASN D 301 -9.72 29.84 16.17
CA ASN D 301 -9.90 28.39 16.22
C ASN D 301 -9.00 27.61 15.26
N PRO D 302 -8.79 28.01 14.00
CA PRO D 302 -7.89 27.20 13.13
C PRO D 302 -6.48 27.06 13.67
N LEU D 303 -6.00 28.03 14.45
CA LEU D 303 -4.62 28.00 14.90
C LEU D 303 -4.36 26.79 15.79
N ILE D 304 -5.34 26.40 16.61
CA ILE D 304 -5.05 25.53 17.74
C ILE D 304 -5.47 24.10 17.46
N TYR D 305 -6.43 23.90 16.55
CA TYR D 305 -6.90 22.58 16.21
C TYR D 305 -6.25 22.03 14.95
N CYS D 306 -5.28 22.76 14.38
CA CYS D 306 -4.65 22.33 13.15
C CYS D 306 -3.15 22.58 13.18
N ARG D 307 -2.56 22.64 14.38
CA ARG D 307 -1.12 22.84 14.51
C ARG D 307 -0.38 21.51 14.60
N SER D 308 -0.68 20.61 13.67
CA SER D 308 -0.05 19.31 13.60
C SER D 308 0.92 19.28 12.42
N PRO D 309 1.99 18.48 12.48
CA PRO D 309 2.88 18.39 11.31
C PRO D 309 2.15 17.99 10.05
N ASP D 310 1.15 17.12 10.21
CA ASP D 310 0.35 16.67 9.04
C ASP D 310 -0.40 17.86 8.45
N PHE D 311 -1.11 18.62 9.31
CA PHE D 311 -1.88 19.79 8.84
C PHE D 311 -0.93 20.82 8.21
N ARG D 312 0.21 21.08 8.85
CA ARG D 312 1.15 22.05 8.34
C ARG D 312 1.70 21.64 6.98
N SER D 313 1.93 20.33 6.82
CA SER D 313 2.39 19.82 5.50
C SER D 313 1.30 20.12 4.47
N ALA D 314 0.04 19.83 4.80
CA ALA D 314 -1.05 20.07 3.86
C ALA D 314 -1.16 21.54 3.50
N PHE D 315 -1.05 22.42 4.50
CA PHE D 315 -1.12 23.85 4.23
C PHE D 315 0.03 24.29 3.34
N ARG D 316 1.23 23.79 3.60
CA ARG D 316 2.40 24.15 2.80
C ARG D 316 2.21 23.70 1.36
N ARG D 317 1.77 22.46 1.16
CA ARG D 317 1.55 21.96 -0.19
C ARG D 317 0.45 22.74 -0.90
N LEU D 318 -0.57 23.18 -0.16
CA LEU D 318 -1.66 23.94 -0.76
C LEU D 318 -1.22 25.34 -1.18
N LEU D 319 -0.48 26.03 -0.31
CA LEU D 319 -0.23 27.44 -0.56
C LEU D 319 1.06 27.66 -1.34
N CYS D 320 1.92 26.65 -1.46
CA CYS D 320 3.12 26.81 -2.29
C CYS D 320 2.76 26.95 -3.76
N ARG D 321 1.93 26.04 -4.27
CA ARG D 321 1.61 26.01 -5.69
C ARG D 321 0.53 27.02 -6.07
N LEU E 1 -20.10 11.14 -20.96
CA LEU E 1 -20.26 9.83 -20.35
C LEU E 1 -21.37 9.03 -21.01
N SER E 2 -21.01 7.89 -21.60
CA SER E 2 -21.99 7.03 -22.22
C SER E 2 -22.77 6.26 -21.16
N ALA E 3 -23.78 5.52 -21.60
CA ALA E 3 -24.56 4.70 -20.65
C ALA E 3 -23.63 3.65 -20.03
N GLU E 4 -22.74 3.09 -20.83
CA GLU E 4 -21.79 2.06 -20.33
C GLU E 4 -20.77 2.74 -19.40
N ASP E 5 -20.24 3.91 -19.77
CA ASP E 5 -19.35 4.61 -18.86
C ASP E 5 -20.03 4.88 -17.52
N LYS E 6 -21.29 5.28 -17.55
CA LYS E 6 -22.02 5.51 -16.31
C LYS E 6 -22.15 4.22 -15.50
N ALA E 7 -22.46 3.12 -16.17
CA ALA E 7 -22.59 1.84 -15.47
C ALA E 7 -21.26 1.40 -14.88
N ALA E 8 -20.17 1.60 -15.61
CA ALA E 8 -18.84 1.28 -15.07
C ALA E 8 -18.52 2.14 -13.86
N VAL E 9 -18.86 3.43 -13.92
CA VAL E 9 -18.62 4.31 -12.77
C VAL E 9 -19.42 3.84 -11.56
N GLU E 10 -20.67 3.45 -11.82
CA GLU E 10 -21.53 2.95 -10.72
C GLU E 10 -20.86 1.71 -10.12
N ARG E 11 -20.45 0.77 -10.97
CA ARG E 11 -19.81 -0.45 -10.48
C ARG E 11 -18.59 -0.13 -9.63
N SER E 12 -17.80 0.85 -10.07
CA SER E 12 -16.66 1.28 -9.26
C SER E 12 -17.13 1.84 -7.92
N LYS E 13 -18.26 2.55 -7.91
CA LYS E 13 -18.79 3.07 -6.66
C LYS E 13 -19.20 1.94 -5.70
N MET E 14 -19.82 0.89 -6.25
CA MET E 14 -20.17 -0.25 -5.39
C MET E 14 -18.93 -0.98 -4.88
N ILE E 15 -17.89 -1.06 -5.73
CA ILE E 15 -16.62 -1.62 -5.28
C ILE E 15 -16.04 -0.77 -4.14
N GLU E 16 -16.15 0.56 -4.26
CA GLU E 16 -15.67 1.43 -3.20
C GLU E 16 -16.48 1.27 -1.91
N LYS E 17 -17.78 1.01 -2.04
CA LYS E 17 -18.60 0.75 -0.85
C LYS E 17 -18.17 -0.54 -0.16
N GLN E 18 -17.91 -1.59 -0.95
CA GLN E 18 -17.36 -2.81 -0.35
C GLN E 18 -16.00 -2.56 0.29
N LEU E 19 -15.20 -1.70 -0.32
CA LEU E 19 -13.91 -1.34 0.27
C LEU E 19 -14.10 -0.62 1.60
N GLN E 20 -15.13 0.21 1.71
CA GLN E 20 -15.40 0.88 2.98
C GLN E 20 -15.84 -0.11 4.05
N LYS E 21 -16.67 -1.09 3.67
CA LYS E 21 -17.01 -2.14 4.63
C LYS E 21 -15.75 -2.89 5.09
N ASP E 22 -14.86 -3.20 4.16
CA ASP E 22 -13.61 -3.85 4.52
C ASP E 22 -12.74 -2.96 5.38
N LYS E 23 -12.80 -1.64 5.16
CA LYS E 23 -12.08 -0.69 6.00
C LYS E 23 -12.58 -0.74 7.43
N GLN E 24 -13.90 -0.79 7.61
CA GLN E 24 -14.45 -0.94 8.95
C GLN E 24 -13.99 -2.23 9.59
N VAL E 25 -14.00 -3.33 8.83
CA VAL E 25 -13.56 -4.61 9.39
C VAL E 25 -12.07 -4.59 9.71
N TYR E 26 -11.27 -3.89 8.91
CA TYR E 26 -9.82 -3.97 8.97
C TYR E 26 -9.23 -3.04 10.03
N ARG E 27 -9.80 -1.85 10.20
CA ARG E 27 -9.27 -0.91 11.18
C ARG E 27 -9.43 -1.44 12.60
N ALA E 28 -10.54 -2.13 12.88
CA ALA E 28 -10.81 -2.62 14.21
C ALA E 28 -9.88 -3.77 14.62
N THR E 29 -9.19 -4.38 13.67
CA THR E 29 -8.33 -5.52 13.93
C THR E 29 -6.91 -5.05 14.20
N HIS E 30 -6.32 -5.53 15.29
CA HIS E 30 -4.97 -5.14 15.69
C HIS E 30 -4.01 -6.26 15.34
N ARG E 31 -2.95 -5.92 14.61
CA ARG E 31 -2.01 -6.89 14.08
C ARG E 31 -0.77 -6.96 14.98
N LEU E 32 -0.33 -8.17 15.28
CA LEU E 32 0.81 -8.41 16.13
C LEU E 32 1.78 -9.36 15.45
N LEU E 33 3.06 -9.00 15.44
CA LEU E 33 4.10 -9.82 14.82
C LEU E 33 4.80 -10.61 15.92
N LEU E 34 4.85 -11.93 15.74
CA LEU E 34 5.42 -12.84 16.73
C LEU E 34 6.81 -13.27 16.26
N LEU E 35 7.84 -12.80 16.96
CA LEU E 35 9.22 -13.17 16.67
C LEU E 35 9.84 -13.89 17.86
N GLY E 36 10.85 -14.70 17.57
CA GLY E 36 11.51 -15.45 18.60
C GLY E 36 12.51 -16.42 17.99
N ALA E 37 13.15 -17.18 18.86
CA ALA E 37 14.10 -18.18 18.44
C ALA E 37 13.41 -19.53 18.24
N ASP E 38 14.19 -20.50 17.75
CA ASP E 38 13.65 -21.84 17.55
C ASP E 38 13.24 -22.46 18.87
N ASN E 39 14.06 -22.29 19.91
CA ASN E 39 13.78 -22.83 21.23
C ASN E 39 13.00 -21.87 22.13
N SER E 40 12.60 -20.71 21.61
CA SER E 40 11.96 -19.71 22.43
C SER E 40 10.63 -20.17 22.99
N GLY E 41 9.96 -21.13 22.34
CA GLY E 41 8.64 -21.53 22.78
C GLY E 41 7.53 -20.59 22.36
N LYS E 42 7.76 -19.78 21.32
CA LYS E 42 6.73 -18.86 20.85
C LYS E 42 5.54 -19.58 20.22
N SER E 43 5.68 -20.87 19.92
CA SER E 43 4.56 -21.61 19.34
C SER E 43 3.38 -21.67 20.30
N THR E 44 3.65 -21.88 21.59
CA THR E 44 2.57 -21.93 22.57
C THR E 44 1.85 -20.59 22.67
N ILE E 45 2.60 -19.49 22.68
CA ILE E 45 2.02 -18.17 22.79
C ILE E 45 1.22 -17.81 21.53
N GLY E 195 3.94 -22.82 6.86
CA GLY E 195 4.60 -21.53 6.78
C GLY E 195 4.16 -20.57 7.86
N ILE E 196 3.38 -19.57 7.46
CA ILE E 196 2.88 -18.57 8.39
C ILE E 196 1.80 -19.19 9.27
N PHE E 197 1.96 -19.07 10.58
CA PHE E 197 0.98 -19.58 11.54
C PHE E 197 0.19 -18.38 12.07
N GLU E 198 -0.94 -18.10 11.42
CA GLU E 198 -1.77 -16.95 11.77
C GLU E 198 -2.72 -17.34 12.89
N THR E 199 -2.86 -16.45 13.87
CA THR E 199 -3.79 -16.64 14.97
C THR E 199 -4.68 -15.41 15.08
N LYS E 200 -5.94 -15.64 15.44
CA LYS E 200 -6.92 -14.57 15.62
C LYS E 200 -7.69 -14.84 16.91
N PHE E 201 -7.36 -14.10 17.97
CA PHE E 201 -8.05 -14.23 19.23
C PHE E 201 -8.85 -12.96 19.50
N GLN E 202 -9.59 -12.98 20.61
CA GLN E 202 -10.62 -11.98 20.88
C GLN E 202 -10.60 -11.68 22.37
N VAL E 203 -10.24 -10.45 22.74
CA VAL E 203 -10.18 -10.04 24.13
C VAL E 203 -11.02 -8.79 24.30
N ASP E 204 -12.08 -8.90 25.11
CA ASP E 204 -12.93 -7.76 25.48
C ASP E 204 -13.49 -7.05 24.25
N LYS E 205 -13.92 -7.84 23.26
CA LYS E 205 -14.53 -7.36 22.03
C LYS E 205 -13.55 -6.64 21.11
N VAL E 206 -12.25 -6.83 21.32
CA VAL E 206 -11.22 -6.28 20.43
C VAL E 206 -10.58 -7.43 19.67
N ASN E 207 -10.41 -7.24 18.37
CA ASN E 207 -9.92 -8.29 17.49
C ASN E 207 -8.42 -8.15 17.30
N PHE E 208 -7.67 -9.17 17.69
CA PHE E 208 -6.23 -9.21 17.51
C PHE E 208 -5.87 -10.28 16.49
N HIS E 209 -4.85 -10.00 15.67
CA HIS E 209 -4.41 -10.92 14.63
C HIS E 209 -2.91 -11.11 14.77
N MET E 210 -2.49 -12.27 15.24
CA MET E 210 -1.09 -12.56 15.50
C MET E 210 -0.50 -13.37 14.35
N PHE E 211 0.70 -12.96 13.91
CA PHE E 211 1.36 -13.67 12.78
C PHE E 211 2.74 -14.17 13.22
N ASP E 212 2.98 -15.46 13.04
CA ASP E 212 4.25 -16.11 13.36
C ASP E 212 4.84 -16.60 12.05
N VAL E 213 5.70 -15.77 11.46
CA VAL E 213 6.35 -16.14 10.20
C VAL E 213 7.40 -17.20 10.50
N GLY E 214 7.28 -18.35 9.85
CA GLY E 214 8.20 -19.45 10.09
C GLY E 214 8.55 -20.24 8.85
N GLY E 215 8.16 -19.74 7.69
CA GLY E 215 8.45 -20.40 6.43
C GLY E 215 9.60 -19.82 5.63
N GLN E 216 10.40 -18.94 6.24
CA GLN E 216 11.47 -18.25 5.54
C GLN E 216 12.83 -18.78 6.02
N ARG E 217 13.89 -18.14 5.52
CA ARG E 217 15.24 -18.48 5.93
C ARG E 217 15.68 -17.62 7.11
N ASP E 218 16.92 -17.81 7.53
CA ASP E 218 17.45 -17.08 8.68
C ASP E 218 17.70 -15.61 8.39
N GLU E 219 17.66 -15.19 7.12
CA GLU E 219 17.86 -13.79 6.76
C GLU E 219 16.50 -13.08 6.77
N ARG E 220 16.32 -12.17 7.71
CA ARG E 220 15.05 -11.50 7.91
C ARG E 220 15.14 -9.99 7.76
N ARG E 221 16.18 -9.48 7.10
CA ARG E 221 16.33 -8.04 6.97
C ARG E 221 15.39 -7.43 5.94
N LYS E 222 14.77 -8.23 5.09
CA LYS E 222 13.88 -7.73 4.05
C LYS E 222 12.42 -7.98 4.33
N TRP E 223 12.03 -9.22 4.65
CA TRP E 223 10.61 -9.49 4.86
C TRP E 223 10.09 -8.92 6.17
N ILE E 224 10.96 -8.43 7.05
CA ILE E 224 10.49 -7.85 8.29
C ILE E 224 10.02 -6.41 8.09
N GLN E 225 10.37 -5.78 6.97
CA GLN E 225 9.91 -4.42 6.73
C GLN E 225 8.43 -4.36 6.39
N CYS E 226 7.84 -5.47 5.97
CA CYS E 226 6.41 -5.49 5.65
C CYS E 226 5.55 -5.20 6.85
N PHE E 227 6.08 -5.38 8.07
CA PHE E 227 5.32 -5.19 9.30
C PHE E 227 5.61 -3.83 9.92
N ASN E 228 5.79 -2.80 9.09
CA ASN E 228 6.05 -1.46 9.58
C ASN E 228 4.85 -0.84 10.27
N ASP E 229 3.65 -1.38 10.06
CA ASP E 229 2.44 -0.76 10.57
C ASP E 229 1.70 -1.63 11.58
N VAL E 230 2.33 -2.67 12.12
CA VAL E 230 1.67 -3.47 13.13
C VAL E 230 1.52 -2.66 14.42
N THR E 231 0.53 -3.05 15.21
CA THR E 231 0.33 -2.39 16.50
C THR E 231 1.53 -2.59 17.40
N ALA E 232 2.03 -3.82 17.48
CA ALA E 232 3.17 -4.13 18.33
C ALA E 232 3.87 -5.36 17.80
N ILE E 233 5.13 -5.52 18.18
CA ILE E 233 5.92 -6.69 17.85
C ILE E 233 6.07 -7.51 19.13
N ILE E 234 5.66 -8.76 19.10
CA ILE E 234 5.75 -9.63 20.26
C ILE E 234 7.04 -10.42 20.16
N PHE E 235 7.99 -10.12 21.04
CA PHE E 235 9.30 -10.74 21.04
C PHE E 235 9.35 -11.78 22.16
N VAL E 236 9.58 -13.04 21.80
CA VAL E 236 9.66 -14.13 22.74
C VAL E 236 11.11 -14.59 22.85
N VAL E 237 11.61 -14.71 24.08
CA VAL E 237 12.97 -15.15 24.32
C VAL E 237 12.95 -16.33 25.27
N ASP E 238 14.05 -17.08 25.26
CA ASP E 238 14.28 -18.17 26.20
C ASP E 238 15.17 -17.64 27.32
N SER E 239 14.60 -17.51 28.52
CA SER E 239 15.38 -17.00 29.64
C SER E 239 16.34 -18.04 30.19
N SER E 240 16.02 -19.32 30.06
CA SER E 240 16.88 -20.36 30.63
C SER E 240 18.18 -20.49 29.84
N ASP E 241 18.10 -20.43 28.51
CA ASP E 241 19.28 -20.63 27.66
C ASP E 241 20.12 -19.37 27.70
N TYR E 242 21.18 -19.38 28.50
CA TYR E 242 22.06 -18.21 28.58
C TYR E 242 22.94 -18.09 27.35
N ASN E 243 23.22 -19.21 26.67
CA ASN E 243 24.11 -19.17 25.51
C ASN E 243 23.52 -18.34 24.38
N ARG E 244 22.23 -18.51 24.12
CA ARG E 244 21.55 -17.77 23.06
C ARG E 244 20.92 -16.48 23.55
N LEU E 245 21.11 -16.13 24.82
CA LEU E 245 20.57 -14.88 25.33
C LEU E 245 21.20 -13.69 24.64
N GLN E 246 22.49 -13.77 24.34
CA GLN E 246 23.14 -12.68 23.61
C GLN E 246 22.60 -12.57 22.19
N GLU E 247 22.30 -13.71 21.55
CA GLU E 247 21.68 -13.66 20.22
C GLU E 247 20.32 -13.00 20.29
N ALA E 248 19.53 -13.32 21.31
CA ALA E 248 18.24 -12.67 21.47
C ALA E 248 18.40 -11.17 21.71
N LEU E 249 19.40 -10.78 22.51
CA LEU E 249 19.66 -9.36 22.72
C LEU E 249 20.03 -8.67 21.42
N ASN E 250 20.86 -9.29 20.60
CA ASN E 250 21.24 -8.70 19.33
C ASN E 250 20.05 -8.55 18.40
N LEU E 251 19.20 -9.58 18.35
CA LEU E 251 17.99 -9.47 17.53
C LEU E 251 17.09 -8.36 18.02
N PHE E 252 16.93 -8.24 19.34
CA PHE E 252 16.12 -7.16 19.90
C PHE E 252 16.71 -5.80 19.56
N LYS E 253 18.04 -5.66 19.65
CA LYS E 253 18.67 -4.41 19.31
C LYS E 253 18.47 -4.05 17.85
N SER E 254 18.61 -5.04 16.95
CA SER E 254 18.43 -4.77 15.53
C SER E 254 16.99 -4.39 15.22
N ILE E 255 16.03 -5.05 15.89
CA ILE E 255 14.63 -4.69 15.68
C ILE E 255 14.33 -3.29 16.22
N TRP E 256 14.87 -2.98 17.40
CA TRP E 256 14.63 -1.67 18.01
C TRP E 256 15.20 -0.55 17.16
N ASN E 257 16.41 -0.72 16.67
CA ASN E 257 17.09 0.33 15.92
C ASN E 257 16.82 0.26 14.42
N ASN E 258 15.96 -0.67 14.01
CA ASN E 258 15.60 -0.82 12.57
C ASN E 258 14.90 0.46 12.10
N ARG E 259 15.42 1.10 11.06
CA ARG E 259 14.84 2.37 10.55
C ARG E 259 13.32 2.25 10.43
N TRP E 260 12.81 1.12 9.93
CA TRP E 260 11.37 1.03 9.70
C TRP E 260 10.60 0.57 10.93
N LEU E 261 11.18 -0.30 11.75
CA LEU E 261 10.54 -0.73 12.98
C LEU E 261 10.84 0.19 14.15
N ARG E 262 11.27 1.42 13.88
CA ARG E 262 11.58 2.36 14.95
C ARG E 262 10.32 2.93 15.61
N THR E 263 9.17 2.79 14.97
CA THR E 263 7.92 3.30 15.51
C THR E 263 7.03 2.22 16.08
N ILE E 264 7.54 1.00 16.23
CA ILE E 264 6.77 -0.15 16.67
C ILE E 264 7.19 -0.51 18.08
N SER E 265 6.23 -0.57 18.99
CA SER E 265 6.50 -1.00 20.35
C SER E 265 6.65 -2.51 20.40
N VAL E 266 7.45 -2.98 21.35
CA VAL E 266 7.76 -4.40 21.48
C VAL E 266 7.20 -4.89 22.80
N ILE E 267 6.43 -5.96 22.75
CA ILE E 267 5.99 -6.67 23.95
C ILE E 267 6.96 -7.81 24.20
N LEU E 268 7.66 -7.76 25.32
CA LEU E 268 8.74 -8.69 25.60
C LEU E 268 8.22 -9.80 26.50
N PHE E 269 8.43 -11.04 26.09
CA PHE E 269 7.95 -12.22 26.80
C PHE E 269 9.14 -13.10 27.15
N LEU E 270 9.64 -12.98 28.37
CA LEU E 270 10.65 -13.90 28.87
C LEU E 270 9.95 -15.21 29.19
N ASN E 271 10.15 -16.22 28.34
CA ASN E 271 9.21 -17.32 28.23
C ASN E 271 9.42 -18.39 29.29
N LYS E 272 10.62 -18.97 29.35
CA LYS E 272 10.83 -20.17 30.18
C LYS E 272 11.30 -19.76 31.57
N GLN E 273 10.39 -19.12 32.30
CA GLN E 273 10.71 -18.67 33.65
C GLN E 273 10.93 -19.84 34.60
N ASP E 274 10.11 -20.90 34.48
CA ASP E 274 10.29 -22.06 35.34
C ASP E 274 11.63 -22.73 35.08
N LEU E 275 12.01 -22.89 33.81
CA LEU E 275 13.30 -23.47 33.49
C LEU E 275 14.43 -22.58 34.02
N LEU E 276 14.29 -21.26 33.88
CA LEU E 276 15.31 -20.36 34.39
C LEU E 276 15.46 -20.51 35.90
N ALA E 277 14.34 -20.58 36.62
CA ALA E 277 14.39 -20.73 38.07
C ALA E 277 15.05 -22.05 38.46
N GLU E 278 14.71 -23.14 37.77
CA GLU E 278 15.33 -24.42 38.07
C GLU E 278 16.82 -24.39 37.80
N LYS E 279 17.23 -23.79 36.68
CA LYS E 279 18.65 -23.71 36.34
C LYS E 279 19.41 -22.86 37.35
N VAL E 280 18.82 -21.75 37.78
CA VAL E 280 19.48 -20.89 38.77
C VAL E 280 19.60 -21.62 40.10
N LEU E 281 18.54 -22.31 40.53
CA LEU E 281 18.61 -23.05 41.78
C LEU E 281 19.66 -24.15 41.72
N ALA E 282 19.75 -24.86 40.60
CA ALA E 282 20.78 -25.85 40.42
C ALA E 282 22.13 -25.17 40.14
N GLY E 283 23.18 -25.98 40.06
CA GLY E 283 24.50 -25.47 39.76
C GLY E 283 24.92 -25.79 38.34
N LYS E 284 23.94 -25.94 37.44
CA LYS E 284 24.24 -26.33 36.07
C LYS E 284 25.12 -25.29 35.38
N SER E 285 24.77 -24.01 35.51
CA SER E 285 25.53 -22.96 34.86
C SER E 285 25.34 -21.66 35.64
N LYS E 286 26.24 -20.72 35.39
CA LYS E 286 26.22 -19.43 36.06
C LYS E 286 26.05 -18.32 35.02
N ILE E 287 25.23 -17.34 35.36
CA ILE E 287 24.99 -16.22 34.43
C ILE E 287 26.27 -15.46 34.18
N GLU E 288 27.10 -15.28 35.22
CA GLU E 288 28.28 -14.44 35.12
C GLU E 288 29.26 -14.93 34.07
N ASP E 289 29.21 -16.20 33.68
CA ASP E 289 30.10 -16.69 32.62
C ASP E 289 29.80 -15.98 31.31
N TYR E 290 28.53 -15.93 30.92
CA TYR E 290 28.12 -15.26 29.69
C TYR E 290 27.87 -13.77 29.88
N PHE E 291 27.82 -13.30 31.13
CA PHE E 291 27.55 -11.88 31.40
C PHE E 291 28.29 -11.49 32.67
N PRO E 292 29.56 -11.08 32.55
CA PRO E 292 30.33 -10.74 33.75
C PRO E 292 29.75 -9.59 34.55
N GLU E 293 28.94 -8.73 33.93
CA GLU E 293 28.33 -7.62 34.65
C GLU E 293 27.31 -8.08 35.67
N PHE E 294 26.92 -9.36 35.65
CA PHE E 294 25.99 -9.87 36.65
C PHE E 294 26.58 -9.80 38.05
N ALA E 295 27.90 -9.72 38.11
CA ALA E 295 28.55 -9.58 39.43
C ALA E 295 28.05 -8.28 40.03
N ARG E 296 28.37 -7.18 39.37
CA ARG E 296 27.98 -5.85 39.88
C ARG E 296 26.55 -5.54 39.49
N TYR E 297 25.58 -6.33 39.95
CA TYR E 297 24.15 -6.00 39.69
C TYR E 297 23.30 -6.48 40.86
N THR E 298 22.45 -5.59 41.39
CA THR E 298 21.60 -5.93 42.57
C THR E 298 20.14 -5.76 42.21
N THR E 299 19.27 -6.59 42.76
CA THR E 299 17.84 -6.53 42.34
C THR E 299 17.31 -5.10 42.41
N PRO E 300 16.63 -4.61 41.35
CA PRO E 300 16.00 -3.29 41.31
C PRO E 300 15.08 -3.08 42.51
N GLU E 301 14.96 -1.82 42.92
CA GLU E 301 14.03 -1.49 44.00
C GLU E 301 12.59 -1.79 43.58
N ASP E 302 12.24 -1.46 42.33
CA ASP E 302 10.89 -1.69 41.84
C ASP E 302 10.58 -3.17 41.61
N ALA E 303 11.58 -4.04 41.68
CA ALA E 303 11.34 -5.46 41.45
C ALA E 303 10.40 -6.03 42.49
N THR E 304 9.37 -6.69 41.96
CA THR E 304 8.37 -7.35 42.83
C THR E 304 8.59 -8.84 42.68
N PRO E 305 9.15 -9.51 43.70
CA PRO E 305 9.33 -10.93 43.65
C PRO E 305 7.99 -11.66 43.76
N GLU E 306 7.93 -12.89 43.27
CA GLU E 306 6.70 -13.68 43.50
C GLU E 306 6.90 -14.43 44.82
N PRO E 307 5.83 -14.67 45.58
CA PRO E 307 5.92 -15.34 46.89
C PRO E 307 6.54 -16.72 46.76
N GLY E 308 7.37 -17.07 47.75
CA GLY E 308 8.01 -18.37 47.78
C GLY E 308 9.12 -18.57 46.79
N GLU E 309 9.64 -17.45 46.24
CA GLU E 309 10.70 -17.52 45.21
C GLU E 309 12.04 -17.09 45.83
N ASP E 310 13.15 -17.63 45.32
CA ASP E 310 14.47 -17.27 45.82
C ASP E 310 14.83 -15.84 45.40
N PRO E 311 15.54 -15.09 46.24
CA PRO E 311 16.07 -13.80 45.78
C PRO E 311 17.05 -13.93 44.63
N ARG E 312 17.76 -15.05 44.54
CA ARG E 312 18.70 -15.23 43.43
C ARG E 312 17.97 -15.41 42.11
N VAL E 313 16.82 -16.09 42.13
CA VAL E 313 16.00 -16.19 40.94
C VAL E 313 15.48 -14.83 40.53
N THR E 314 15.12 -14.00 41.51
CA THR E 314 14.72 -12.63 41.22
C THR E 314 15.86 -11.86 40.57
N ARG E 315 17.07 -12.00 41.12
CA ARG E 315 18.24 -11.35 40.54
C ARG E 315 18.44 -11.76 39.09
N ALA E 316 18.39 -13.07 38.83
CA ALA E 316 18.64 -13.57 37.47
C ALA E 316 17.57 -13.07 36.50
N LYS E 317 16.29 -13.25 36.85
CA LYS E 317 15.22 -12.87 35.93
C LYS E 317 15.23 -11.37 35.68
N TYR E 318 15.48 -10.57 36.70
CA TYR E 318 15.46 -9.12 36.49
C TYR E 318 16.70 -8.62 35.77
N PHE E 319 17.85 -9.29 35.93
CA PHE E 319 19.00 -8.93 35.10
C PHE E 319 18.75 -9.26 33.64
N ILE E 320 18.17 -10.43 33.38
CA ILE E 320 17.84 -10.80 32.01
C ILE E 320 16.86 -9.80 31.40
N ARG E 321 15.91 -9.35 32.21
CA ARG E 321 14.89 -8.36 31.72
C ARG E 321 15.54 -6.98 31.54
N ASP E 322 16.55 -6.64 32.35
CA ASP E 322 17.16 -5.31 32.32
C ASP E 322 18.18 -5.21 31.22
N GLU E 323 18.68 -6.34 30.74
CA GLU E 323 19.50 -6.25 29.53
C GLU E 323 18.67 -5.75 28.36
N PHE E 324 17.49 -6.36 28.14
CA PHE E 324 16.59 -5.90 27.10
C PHE E 324 16.12 -4.48 27.36
N LEU E 325 15.81 -4.17 28.62
CA LEU E 325 15.34 -2.82 28.94
C LEU E 325 16.41 -1.78 28.67
N ARG E 326 17.67 -2.08 28.98
CA ARG E 326 18.76 -1.16 28.68
C ARG E 326 18.89 -0.95 27.19
N ILE E 327 18.80 -2.03 26.41
CA ILE E 327 18.83 -1.89 24.95
C ILE E 327 17.69 -1.01 24.48
N SER E 328 16.51 -1.17 25.08
CA SER E 328 15.32 -0.48 24.59
C SER E 328 15.33 1.00 24.93
N THR E 329 15.72 1.36 26.15
CA THR E 329 15.77 2.75 26.57
C THR E 329 17.09 3.43 26.26
N ALA E 330 18.04 2.74 25.64
CA ALA E 330 19.24 3.42 25.18
C ALA E 330 18.95 4.36 24.03
N SER E 331 17.82 4.21 23.35
CA SER E 331 17.47 5.06 22.22
C SER E 331 15.95 5.00 22.03
N GLY E 332 15.47 5.61 20.96
CA GLY E 332 14.06 5.62 20.63
C GLY E 332 13.32 6.86 21.03
N ASP E 333 13.86 7.63 21.99
CA ASP E 333 13.32 8.90 22.46
C ASP E 333 11.79 8.92 22.57
N GLY E 334 11.20 7.82 23.01
CA GLY E 334 9.81 7.81 23.39
C GLY E 334 8.81 7.58 22.28
N ARG E 335 9.23 7.34 21.04
CA ARG E 335 8.29 7.00 19.99
C ARG E 335 7.69 5.62 20.21
N HIS E 336 8.51 4.66 20.63
CA HIS E 336 8.07 3.30 20.89
C HIS E 336 8.65 2.84 22.21
N TYR E 337 8.00 1.84 22.79
CA TYR E 337 8.29 1.40 24.15
C TYR E 337 8.41 -0.12 24.18
N CYS E 338 9.19 -0.60 25.14
CA CYS E 338 9.34 -2.02 25.40
C CYS E 338 8.51 -2.40 26.63
N TYR E 339 7.79 -3.50 26.53
CA TYR E 339 6.91 -3.96 27.60
C TYR E 339 7.35 -5.34 28.07
N PRO E 340 8.11 -5.43 29.15
CA PRO E 340 8.63 -6.74 29.56
C PRO E 340 7.63 -7.52 30.41
N HIS E 341 7.55 -8.82 30.14
CA HIS E 341 6.68 -9.70 30.90
C HIS E 341 7.41 -11.00 31.20
N PHE E 342 7.15 -11.54 32.38
CA PHE E 342 7.64 -12.86 32.77
C PHE E 342 6.53 -13.87 32.49
N THR E 343 6.88 -14.93 31.76
CA THR E 343 5.90 -15.85 31.21
C THR E 343 6.24 -17.27 31.68
N CYS E 344 5.23 -18.13 31.72
CA CYS E 344 5.43 -19.56 31.90
C CYS E 344 4.72 -20.31 30.78
N ALA E 345 5.16 -21.54 30.55
CA ALA E 345 4.54 -22.37 29.53
C ALA E 345 3.09 -22.71 29.86
N VAL E 346 2.70 -22.62 31.14
CA VAL E 346 1.33 -22.90 31.56
C VAL E 346 0.51 -21.64 31.73
N ASP E 347 1.11 -20.47 31.53
CA ASP E 347 0.41 -19.21 31.72
C ASP E 347 -0.75 -19.07 30.74
N THR E 348 -1.88 -18.58 31.25
CA THR E 348 -3.07 -18.39 30.43
C THR E 348 -3.51 -16.92 30.36
N GLU E 349 -2.76 -16.01 30.97
CA GLU E 349 -3.10 -14.60 30.99
C GLU E 349 -2.33 -13.79 29.95
N ASN E 350 -1.65 -14.47 29.01
CA ASN E 350 -0.89 -13.75 28.01
C ASN E 350 -1.79 -12.95 27.07
N ALA E 351 -3.00 -13.44 26.80
CA ALA E 351 -3.93 -12.67 25.99
C ALA E 351 -4.32 -11.38 26.69
N ARG E 352 -4.61 -11.44 27.99
CA ARG E 352 -4.93 -10.23 28.74
C ARG E 352 -3.73 -9.29 28.80
N ARG E 353 -2.53 -9.85 28.93
CA ARG E 353 -1.33 -9.02 28.92
C ARG E 353 -1.17 -8.30 27.59
N ILE E 354 -1.36 -9.01 26.48
CA ILE E 354 -1.26 -8.38 25.17
C ILE E 354 -2.34 -7.31 25.01
N PHE E 355 -3.54 -7.59 25.51
CA PHE E 355 -4.60 -6.59 25.46
C PHE E 355 -4.21 -5.32 26.20
N ASN E 356 -3.78 -5.47 27.45
CA ASN E 356 -3.42 -4.30 28.26
C ASN E 356 -2.28 -3.53 27.64
N ASP E 357 -1.28 -4.23 27.10
CA ASP E 357 -0.10 -3.56 26.60
C ASP E 357 -0.38 -2.89 25.26
N CYS E 358 -1.23 -3.49 24.42
CA CYS E 358 -1.66 -2.81 23.20
C CYS E 358 -2.52 -1.60 23.53
N ARG E 359 -3.35 -1.69 24.55
CA ARG E 359 -4.13 -0.54 24.99
C ARG E 359 -3.22 0.61 25.39
N ASP E 360 -2.18 0.31 26.16
CA ASP E 360 -1.22 1.34 26.54
C ASP E 360 -0.49 1.89 25.32
N ILE E 361 -0.10 1.02 24.38
CA ILE E 361 0.63 1.46 23.20
C ILE E 361 -0.20 2.45 22.40
N ILE E 362 -1.47 2.12 22.15
CA ILE E 362 -2.29 2.99 21.32
C ILE E 362 -2.73 4.22 22.09
N GLN E 363 -2.88 4.11 23.42
CA GLN E 363 -3.17 5.30 24.22
C GLN E 363 -2.03 6.30 24.15
N ARG E 364 -0.79 5.82 24.28
CA ARG E 364 0.36 6.71 24.13
C ARG E 364 0.50 7.23 22.72
N MET E 365 0.14 6.44 21.71
CA MET E 365 0.14 6.93 20.34
C MET E 365 -0.84 8.07 20.15
N HIS E 366 -2.05 7.92 20.71
CA HIS E 366 -3.06 8.97 20.61
C HIS E 366 -2.63 10.22 21.37
N LEU E 367 -2.04 10.04 22.55
CA LEU E 367 -1.51 11.18 23.29
C LEU E 367 -0.47 11.92 22.48
N ARG E 368 0.46 11.17 21.87
CA ARG E 368 1.53 11.82 21.09
C ARG E 368 0.97 12.53 19.87
N GLN E 369 -0.02 11.92 19.20
CA GLN E 369 -0.60 12.56 18.02
C GLN E 369 -1.46 13.76 18.39
N TYR E 370 -1.97 13.82 19.61
CA TYR E 370 -2.70 14.99 20.10
C TYR E 370 -1.79 16.00 20.78
N GLU E 371 -0.48 15.77 20.75
CA GLU E 371 0.50 16.67 21.37
C GLU E 371 0.27 16.78 22.88
N LEU E 372 -0.04 15.66 23.52
CA LEU E 372 -0.18 15.59 24.97
C LEU E 372 0.90 14.74 25.62
N LEU E 373 1.90 14.32 24.87
CA LEU E 373 3.03 13.52 25.38
C LEU E 373 2.58 12.18 25.94
N ALA F 1 32.45 -30.39 -3.41
CA ALA F 1 31.93 -29.79 -4.63
C ALA F 1 31.13 -28.54 -4.32
N GLN F 2 31.25 -28.05 -3.09
CA GLN F 2 30.52 -26.86 -2.68
C GLN F 2 30.95 -25.64 -3.49
N ALA F 3 32.26 -25.45 -3.67
CA ALA F 3 32.80 -24.37 -4.47
C ALA F 3 33.09 -24.78 -5.91
N ARG F 4 32.91 -26.06 -6.25
CA ARG F 4 33.11 -26.50 -7.62
C ARG F 4 32.12 -25.82 -8.56
N LYS F 5 30.86 -25.71 -8.13
CA LYS F 5 29.88 -25.00 -8.95
C LYS F 5 30.25 -23.53 -9.11
N LEU F 6 30.77 -22.91 -8.05
CA LEU F 6 31.17 -21.51 -8.14
C LEU F 6 32.32 -21.34 -9.12
N VAL F 7 33.33 -22.20 -9.06
CA VAL F 7 34.46 -22.07 -9.97
C VAL F 7 34.04 -22.37 -11.40
N GLU F 8 33.13 -23.33 -11.59
CA GLU F 8 32.62 -23.60 -12.93
C GLU F 8 31.84 -22.42 -13.48
N GLN F 9 31.02 -21.77 -12.64
CA GLN F 9 30.30 -20.59 -13.09
C GLN F 9 31.24 -19.46 -13.44
N LEU F 10 32.29 -19.27 -12.64
CA LEU F 10 33.27 -18.23 -12.96
C LEU F 10 33.97 -18.52 -14.29
N LYS F 11 34.31 -19.79 -14.53
CA LYS F 11 34.90 -20.15 -15.81
C LYS F 11 33.95 -19.89 -16.96
N MET F 12 32.67 -20.24 -16.79
CA MET F 12 31.68 -20.02 -17.83
C MET F 12 31.53 -18.53 -18.13
N GLU F 13 31.54 -17.69 -17.10
CA GLU F 13 31.47 -16.26 -17.31
C GLU F 13 32.73 -15.74 -18.01
N ALA F 14 33.89 -16.31 -17.68
CA ALA F 14 35.12 -15.91 -18.34
C ALA F 14 35.13 -16.31 -19.81
N ASN F 15 34.40 -17.37 -20.17
CA ASN F 15 34.42 -17.86 -21.54
C ASN F 15 33.79 -16.88 -22.54
N ILE F 16 33.00 -15.92 -22.07
CA ILE F 16 32.23 -15.06 -22.96
C ILE F 16 33.13 -14.05 -23.65
N ASP F 17 32.60 -13.40 -24.68
CA ASP F 17 33.31 -12.36 -25.43
C ASP F 17 32.79 -10.99 -25.02
N ARG F 18 33.70 -10.09 -24.67
CA ARG F 18 33.35 -8.76 -24.19
C ARG F 18 33.73 -7.72 -25.23
N ILE F 19 32.77 -6.89 -25.63
CA ILE F 19 32.98 -5.84 -26.61
C ILE F 19 33.37 -4.54 -25.90
N LYS F 20 33.89 -3.58 -26.66
CA LYS F 20 34.46 -2.37 -26.09
C LYS F 20 33.39 -1.50 -25.43
N VAL F 21 33.71 -0.96 -24.26
CA VAL F 21 32.77 -0.14 -23.51
C VAL F 21 32.39 1.09 -24.30
N SER F 22 33.33 1.65 -25.08
CA SER F 22 32.99 2.76 -25.95
C SER F 22 31.92 2.36 -26.96
N LYS F 23 32.05 1.17 -27.56
CA LYS F 23 31.03 0.71 -28.50
C LYS F 23 29.69 0.52 -27.81
N ALA F 24 29.70 -0.06 -26.61
CA ALA F 24 28.43 -0.27 -25.89
C ALA F 24 27.76 1.07 -25.58
N ALA F 25 28.54 2.04 -25.10
CA ALA F 25 28.01 3.36 -24.80
C ALA F 25 27.48 4.04 -26.06
N ALA F 26 28.18 3.89 -27.18
CA ALA F 26 27.71 4.46 -28.43
C ALA F 26 26.40 3.83 -28.87
N ASP F 27 26.26 2.51 -28.69
CA ASP F 27 25.01 1.86 -29.05
C ASP F 27 23.85 2.35 -28.18
N LEU F 28 24.10 2.51 -26.88
CA LEU F 28 23.05 3.05 -26.01
C LEU F 28 22.69 4.47 -26.41
N MET F 29 23.69 5.29 -26.74
CA MET F 29 23.44 6.62 -27.25
C MET F 29 22.59 6.59 -28.52
N ALA F 30 22.92 5.67 -29.43
CA ALA F 30 22.19 5.58 -30.69
C ALA F 30 20.73 5.22 -30.45
N TYR F 31 20.47 4.26 -29.56
CA TYR F 31 19.09 3.89 -29.27
C TYR F 31 18.34 5.06 -28.64
N CYS F 32 18.95 5.71 -27.65
CA CYS F 32 18.27 6.80 -26.96
C CYS F 32 17.97 7.95 -27.90
N GLU F 33 18.90 8.27 -28.80
CA GLU F 33 18.67 9.36 -29.75
C GLU F 33 17.63 8.97 -30.79
N ALA F 34 17.70 7.74 -31.31
CA ALA F 34 16.77 7.32 -32.35
C ALA F 34 15.33 7.28 -31.84
N HIS F 35 15.13 6.79 -30.61
CA HIS F 35 13.78 6.65 -30.08
C HIS F 35 13.37 7.81 -29.19
N ALA F 36 14.07 8.95 -29.28
CA ALA F 36 13.73 10.10 -28.44
C ALA F 36 12.39 10.70 -28.81
N LYS F 37 12.03 10.68 -30.10
CA LYS F 37 10.79 11.33 -30.53
C LYS F 37 9.57 10.67 -29.94
N GLU F 38 9.59 9.34 -29.79
CA GLU F 38 8.44 8.59 -29.31
C GLU F 38 8.45 8.41 -27.79
N ASP F 39 9.04 9.34 -27.06
CA ASP F 39 9.05 9.30 -25.60
C ASP F 39 8.22 10.45 -25.06
N PRO F 40 6.98 10.20 -24.63
CA PRO F 40 6.16 11.30 -24.11
C PRO F 40 6.75 11.99 -22.89
N LEU F 41 7.48 11.26 -22.05
CA LEU F 41 8.10 11.87 -20.88
C LEU F 41 9.19 12.86 -21.27
N LEU F 42 9.97 12.53 -22.28
CA LEU F 42 11.06 13.41 -22.71
C LEU F 42 10.52 14.73 -23.24
N THR F 43 9.74 14.67 -24.30
CA THR F 43 9.07 15.84 -24.85
C THR F 43 7.58 15.72 -24.61
N PRO F 44 7.01 16.45 -23.65
CA PRO F 44 5.60 16.27 -23.32
C PRO F 44 4.69 16.55 -24.52
N VAL F 45 3.66 15.72 -24.66
CA VAL F 45 2.69 15.85 -25.74
C VAL F 45 1.77 17.03 -25.44
N PRO F 46 1.08 17.58 -26.44
CA PRO F 46 0.07 18.60 -26.15
C PRO F 46 -1.05 18.02 -25.30
N ALA F 47 -1.67 18.89 -24.49
CA ALA F 47 -2.72 18.45 -23.58
C ALA F 47 -3.89 17.82 -24.31
N SER F 48 -4.09 18.15 -25.59
CA SER F 48 -5.14 17.49 -26.37
C SER F 48 -4.83 16.02 -26.59
N GLU F 49 -3.57 15.69 -26.85
CA GLU F 49 -3.15 14.32 -27.13
C GLU F 49 -2.81 13.54 -25.87
N ASN F 50 -2.85 14.16 -24.70
CA ASN F 50 -2.53 13.47 -23.46
C ASN F 50 -3.76 12.74 -22.95
N PRO F 51 -3.74 11.40 -22.86
CA PRO F 51 -4.92 10.69 -22.35
C PRO F 51 -5.22 10.99 -20.90
N PHE F 52 -4.26 11.48 -20.13
CA PHE F 52 -4.49 11.81 -18.74
C PHE F 52 -4.67 13.31 -18.55
#